data_9EMX
#
_entry.id   9EMX
#
_cell.length_a   97.380
_cell.length_b   97.380
_cell.length_c   66.456
_cell.angle_alpha   90.00
_cell.angle_beta   90.00
_cell.angle_gamma   120.00
#
_symmetry.space_group_name_H-M   'P 32'
#
loop_
_entity.id
_entity.type
_entity.pdbx_description
1 polymer 'Nucleoside 2-deoxyribosyltransferase'
2 non-polymer "3'-DEOXYADENOSINE"
3 water water
#
_entity_poly.entity_id   1
_entity_poly.type   'polypeptide(L)'
_entity_poly.pdbx_seq_one_letter_code
;KRKIIFLSSPYGFSQQQKTLLLPPIVRALEALGIEVWEPFARNNQIDFSQADWAYRVAQADLQDVKNCDGIFAVVNGTPP
DEGVMVELGMAIALNKAIFLFRDDFRRCSDNERYPLNLMLFAGLPEIGWENYYYTSVDEIQSHDKALYKWLTGM
;
_entity_poly.pdbx_strand_id   A,B,C,D
#
loop_
_chem_comp.id
_chem_comp.type
_chem_comp.name
_chem_comp.formula
3AD non-polymer 3'-DEOXYADENOSINE 'C10 H13 N5 O3'
#
# COMPACT_ATOMS: atom_id res chain seq x y z
N LYS A 1 -23.95 -29.88 -12.47
CA LYS A 1 -23.06 -28.77 -12.85
C LYS A 1 -22.79 -27.86 -11.64
N ARG A 2 -21.55 -27.91 -11.11
CA ARG A 2 -21.20 -27.12 -9.94
C ARG A 2 -21.14 -25.63 -10.26
N LYS A 3 -21.45 -24.80 -9.27
CA LYS A 3 -21.21 -23.37 -9.38
C LYS A 3 -19.70 -23.12 -9.39
N ILE A 4 -19.28 -22.12 -10.17
CA ILE A 4 -17.87 -21.80 -10.37
C ILE A 4 -17.55 -20.49 -9.64
N ILE A 5 -16.61 -20.57 -8.71
CA ILE A 5 -16.13 -19.41 -7.94
C ILE A 5 -14.71 -19.12 -8.36
N PHE A 6 -14.46 -17.86 -8.73
CA PHE A 6 -13.12 -17.37 -9.00
C PHE A 6 -12.57 -16.83 -7.68
N LEU A 7 -11.54 -17.50 -7.16
CA LEU A 7 -10.97 -17.15 -5.85
C LEU A 7 -9.80 -16.18 -6.08
N SER A 8 -10.10 -14.89 -5.96
CA SER A 8 -9.15 -13.84 -6.29
C SER A 8 -8.45 -13.40 -5.00
N SER A 9 -7.13 -13.60 -4.93
CA SER A 9 -6.35 -13.23 -3.76
C SER A 9 -4.99 -12.74 -4.20
N PRO A 10 -4.26 -12.04 -3.30
CA PRO A 10 -2.84 -11.76 -3.54
C PRO A 10 -1.90 -12.81 -2.98
N TYR A 11 -2.44 -13.91 -2.47
CA TYR A 11 -1.65 -14.85 -1.70
C TYR A 11 -0.60 -15.60 -2.53
N GLY A 12 -0.77 -15.66 -3.86
CA GLY A 12 0.20 -16.28 -4.73
C GLY A 12 1.51 -15.51 -4.89
N PHE A 13 1.57 -14.26 -4.46
CA PHE A 13 2.79 -13.48 -4.59
C PHE A 13 3.85 -13.84 -3.54
N SER A 14 3.47 -14.52 -2.45
CA SER A 14 4.40 -14.92 -1.42
C SER A 14 4.48 -16.45 -1.37
N GLN A 15 5.70 -16.98 -1.46
N GLN A 15 5.68 -17.01 -1.42
CA GLN A 15 5.89 -18.43 -1.40
CA GLN A 15 5.76 -18.47 -1.46
C GLN A 15 5.13 -19.04 -0.23
C GLN A 15 5.12 -19.08 -0.22
N GLN A 16 5.35 -18.48 0.96
CA GLN A 16 4.72 -19.01 2.17
C GLN A 16 3.20 -18.84 2.14
N GLN A 17 2.68 -17.66 1.76
CA GLN A 17 1.24 -17.48 1.71
C GLN A 17 0.60 -18.41 0.68
N LYS A 18 1.26 -18.57 -0.47
CA LYS A 18 0.74 -19.46 -1.50
C LYS A 18 0.62 -20.88 -0.96
N THR A 19 1.59 -21.30 -0.15
CA THR A 19 1.67 -22.67 0.35
C THR A 19 0.69 -22.94 1.48
N LEU A 20 0.52 -21.98 2.40
CA LEU A 20 -0.19 -22.22 3.65
C LEU A 20 -1.57 -21.57 3.74
N LEU A 21 -1.80 -20.43 3.07
CA LEU A 21 -3.06 -19.71 3.21
C LEU A 21 -4.10 -20.16 2.20
N LEU A 22 -3.71 -20.41 0.96
CA LEU A 22 -4.70 -20.71 -0.07
C LEU A 22 -5.33 -22.09 0.10
N PRO A 23 -4.59 -23.18 0.34
CA PRO A 23 -5.21 -24.52 0.38
C PRO A 23 -6.37 -24.57 1.37
N PRO A 24 -6.19 -24.10 2.61
CA PRO A 24 -7.34 -24.10 3.54
C PRO A 24 -8.58 -23.42 3.00
N ILE A 25 -8.42 -22.32 2.24
CA ILE A 25 -9.57 -21.58 1.71
C ILE A 25 -10.20 -22.34 0.54
N VAL A 26 -9.38 -22.78 -0.42
CA VAL A 26 -9.87 -23.64 -1.50
C VAL A 26 -10.67 -24.81 -0.96
N ARG A 27 -10.16 -25.45 0.10
CA ARG A 27 -10.82 -26.65 0.62
C ARG A 27 -12.15 -26.32 1.27
N ALA A 28 -12.22 -25.21 2.01
CA ALA A 28 -13.49 -24.78 2.57
C ALA A 28 -14.53 -24.57 1.47
N LEU A 29 -14.11 -23.96 0.35
CA LEU A 29 -15.04 -23.71 -0.75
C LEU A 29 -15.44 -25.00 -1.45
N GLU A 30 -14.46 -25.86 -1.75
CA GLU A 30 -14.77 -27.13 -2.39
C GLU A 30 -15.71 -27.97 -1.53
N ALA A 31 -15.59 -27.85 -0.20
CA ALA A 31 -16.50 -28.56 0.69
C ALA A 31 -17.96 -28.23 0.39
N LEU A 32 -18.24 -27.02 -0.09
CA LEU A 32 -19.61 -26.66 -0.41
C LEU A 32 -20.06 -27.19 -1.78
N GLY A 33 -19.21 -27.93 -2.48
CA GLY A 33 -19.57 -28.38 -3.81
C GLY A 33 -19.25 -27.38 -4.90
N ILE A 34 -18.42 -26.38 -4.60
CA ILE A 34 -18.06 -25.34 -5.56
C ILE A 34 -16.89 -25.82 -6.39
N GLU A 35 -16.88 -25.47 -7.68
CA GLU A 35 -15.68 -25.59 -8.51
C GLU A 35 -14.89 -24.29 -8.37
N VAL A 36 -13.67 -24.40 -7.83
CA VAL A 36 -12.83 -23.25 -7.49
C VAL A 36 -11.83 -23.02 -8.62
N TRP A 37 -11.85 -21.82 -9.18
CA TRP A 37 -10.85 -21.36 -10.12
C TRP A 37 -9.97 -20.36 -9.37
N GLU A 38 -8.76 -20.81 -9.05
CA GLU A 38 -7.78 -20.00 -8.33
C GLU A 38 -6.71 -19.58 -9.32
N PRO A 39 -6.60 -18.30 -9.66
CA PRO A 39 -5.75 -17.91 -10.81
C PRO A 39 -4.30 -18.36 -10.74
N PHE A 40 -3.68 -18.45 -9.56
CA PHE A 40 -2.27 -18.84 -9.55
C PHE A 40 -2.13 -20.30 -9.97
N ALA A 41 -2.98 -21.18 -9.44
CA ALA A 41 -2.98 -22.58 -9.86
C ALA A 41 -3.38 -22.71 -11.33
N ARG A 42 -4.43 -22.01 -11.75
CA ARG A 42 -4.92 -22.13 -13.10
C ARG A 42 -3.93 -21.66 -14.15
N ASN A 43 -2.84 -21.00 -13.76
CA ASN A 43 -1.86 -20.52 -14.73
C ASN A 43 -0.49 -21.15 -14.54
N ASN A 44 -0.38 -22.27 -13.81
CA ASN A 44 0.94 -22.86 -13.62
C ASN A 44 1.43 -23.65 -14.85
N GLN A 45 0.58 -23.88 -15.85
CA GLN A 45 1.04 -24.52 -17.07
C GLN A 45 1.66 -23.54 -18.06
N ILE A 46 1.78 -22.28 -17.68
CA ILE A 46 2.28 -21.25 -18.59
C ILE A 46 3.80 -21.24 -18.52
N ASP A 47 4.43 -20.93 -19.65
CA ASP A 47 5.88 -20.86 -19.74
C ASP A 47 6.35 -19.49 -19.28
N PHE A 48 6.77 -19.41 -18.02
CA PHE A 48 7.16 -18.13 -17.44
C PHE A 48 8.54 -17.67 -17.89
N SER A 49 9.18 -18.39 -18.79
CA SER A 49 10.45 -17.92 -19.34
C SER A 49 10.27 -17.06 -20.57
N GLN A 50 9.09 -17.08 -21.20
CA GLN A 50 8.78 -16.18 -22.30
C GLN A 50 8.18 -14.88 -21.76
N ALA A 51 8.60 -13.76 -22.34
CA ALA A 51 8.19 -12.47 -21.80
C ALA A 51 6.70 -12.23 -21.98
N ASP A 52 6.07 -12.88 -22.96
CA ASP A 52 4.64 -12.69 -23.11
C ASP A 52 3.83 -13.35 -22.00
N TRP A 53 4.47 -14.00 -21.02
CA TRP A 53 3.68 -14.71 -20.03
C TRP A 53 2.74 -13.78 -19.27
N ALA A 54 3.14 -12.54 -19.06
CA ALA A 54 2.30 -11.63 -18.29
C ALA A 54 0.99 -11.34 -19.02
N TYR A 55 1.05 -11.09 -20.33
CA TYR A 55 -0.18 -10.87 -21.08
C TYR A 55 -1.06 -12.12 -21.10
N ARG A 56 -0.46 -13.31 -21.23
CA ARG A 56 -1.29 -14.52 -21.27
C ARG A 56 -2.01 -14.72 -19.95
N VAL A 57 -1.34 -14.45 -18.82
CA VAL A 57 -1.98 -14.56 -17.51
C VAL A 57 -3.10 -13.53 -17.38
N ALA A 58 -2.86 -12.29 -17.81
CA ALA A 58 -3.93 -11.29 -17.77
C ALA A 58 -5.18 -11.80 -18.49
N GLN A 59 -5.00 -12.31 -19.72
CA GLN A 59 -6.14 -12.73 -20.54
C GLN A 59 -6.82 -13.97 -19.97
N ALA A 60 -6.04 -14.87 -19.37
CA ALA A 60 -6.62 -16.01 -18.65
C ALA A 60 -7.50 -15.53 -17.51
N ASP A 61 -6.95 -14.70 -16.63
CA ASP A 61 -7.74 -14.18 -15.53
C ASP A 61 -8.96 -13.43 -16.05
N LEU A 62 -8.78 -12.61 -17.08
CA LEU A 62 -9.94 -11.92 -17.66
C LEU A 62 -11.00 -12.92 -18.13
N GLN A 63 -10.59 -13.94 -18.87
CA GLN A 63 -11.56 -14.93 -19.34
C GLN A 63 -12.22 -15.65 -18.18
N ASP A 64 -11.45 -15.99 -17.16
CA ASP A 64 -12.01 -16.77 -16.05
C ASP A 64 -13.02 -15.96 -15.23
N VAL A 65 -12.84 -14.65 -15.13
CA VAL A 65 -13.87 -13.84 -14.46
C VAL A 65 -15.11 -13.76 -15.34
N LYS A 66 -14.93 -13.57 -16.64
CA LYS A 66 -16.06 -13.62 -17.56
C LYS A 66 -16.86 -14.91 -17.42
N ASN A 67 -16.18 -16.05 -17.26
CA ASN A 67 -16.82 -17.36 -17.31
C ASN A 67 -17.24 -17.91 -15.95
N CYS A 68 -16.95 -17.21 -14.86
CA CYS A 68 -17.31 -17.70 -13.54
C CYS A 68 -18.75 -17.34 -13.21
N ASP A 69 -19.29 -17.98 -12.17
CA ASP A 69 -20.61 -17.62 -11.62
C ASP A 69 -20.52 -16.56 -10.52
N GLY A 70 -19.47 -16.63 -9.68
CA GLY A 70 -19.26 -15.62 -8.67
C GLY A 70 -17.78 -15.45 -8.40
N ILE A 71 -17.44 -14.34 -7.73
CA ILE A 71 -16.08 -14.09 -7.25
C ILE A 71 -16.06 -14.14 -5.73
N PHE A 72 -15.04 -14.79 -5.20
CA PHE A 72 -14.73 -14.78 -3.78
C PHE A 72 -13.41 -14.01 -3.70
N ALA A 73 -13.47 -12.77 -3.24
CA ALA A 73 -12.34 -11.85 -3.26
C ALA A 73 -11.75 -11.71 -1.86
N VAL A 74 -10.50 -12.16 -1.71
CA VAL A 74 -9.74 -11.96 -0.48
C VAL A 74 -9.26 -10.51 -0.48
N VAL A 75 -9.85 -9.67 0.38
CA VAL A 75 -9.56 -8.24 0.37
C VAL A 75 -8.85 -7.85 1.65
N ASN A 76 -7.94 -8.71 2.10
CA ASN A 76 -7.01 -8.35 3.16
C ASN A 76 -5.98 -7.34 2.65
N GLY A 77 -5.33 -6.68 3.60
CA GLY A 77 -4.27 -5.74 3.30
C GLY A 77 -4.75 -4.30 3.39
N THR A 78 -3.79 -3.39 3.48
CA THR A 78 -4.09 -1.96 3.44
C THR A 78 -3.19 -1.33 2.37
N PRO A 79 -3.72 -1.09 1.16
CA PRO A 79 -5.08 -1.41 0.73
C PRO A 79 -5.18 -2.84 0.19
N PRO A 80 -6.40 -3.27 -0.15
CA PRO A 80 -6.57 -4.53 -0.89
C PRO A 80 -5.76 -4.52 -2.16
N ASP A 81 -5.45 -5.73 -2.64
CA ASP A 81 -4.57 -5.90 -3.78
C ASP A 81 -5.20 -5.36 -5.06
N GLU A 82 -4.37 -4.70 -5.88
CA GLU A 82 -4.89 -4.02 -7.06
C GLU A 82 -5.33 -5.00 -8.14
N GLY A 83 -4.70 -6.17 -8.25
CA GLY A 83 -5.19 -7.20 -9.16
C GLY A 83 -6.55 -7.74 -8.73
N VAL A 84 -6.70 -8.00 -7.43
CA VAL A 84 -8.00 -8.42 -6.90
C VAL A 84 -9.05 -7.33 -7.18
N MET A 85 -8.65 -6.06 -7.07
CA MET A 85 -9.63 -4.98 -7.24
C MET A 85 -10.11 -4.88 -8.68
N VAL A 86 -9.20 -4.99 -9.66
CA VAL A 86 -9.59 -5.01 -11.06
C VAL A 86 -10.56 -6.17 -11.33
N GLU A 87 -10.24 -7.36 -10.81
CA GLU A 87 -11.08 -8.53 -11.05
C GLU A 87 -12.43 -8.38 -10.38
N LEU A 88 -12.46 -7.76 -9.19
CA LEU A 88 -13.71 -7.45 -8.50
C LEU A 88 -14.58 -6.48 -9.31
N GLY A 89 -13.97 -5.40 -9.83
CA GLY A 89 -14.71 -4.49 -10.69
C GLY A 89 -15.25 -5.16 -11.94
N MET A 90 -14.45 -6.04 -12.56
CA MET A 90 -14.98 -6.84 -13.66
C MET A 90 -16.20 -7.63 -13.23
N ALA A 91 -16.09 -8.38 -12.13
CA ALA A 91 -17.21 -9.16 -11.63
C ALA A 91 -18.44 -8.30 -11.42
N ILE A 92 -18.28 -7.12 -10.82
CA ILE A 92 -19.42 -6.23 -10.61
C ILE A 92 -20.05 -5.84 -11.94
N ALA A 93 -19.24 -5.33 -12.88
CA ALA A 93 -19.77 -4.90 -14.16
C ALA A 93 -20.49 -6.02 -14.91
N LEU A 94 -20.08 -7.27 -14.70
CA LEU A 94 -20.66 -8.41 -15.41
C LEU A 94 -21.76 -9.11 -14.62
N ASN A 95 -22.21 -8.50 -13.52
CA ASN A 95 -23.32 -9.03 -12.73
C ASN A 95 -23.05 -10.43 -12.21
N LYS A 96 -21.78 -10.74 -11.94
CA LYS A 96 -21.47 -11.97 -11.23
C LYS A 96 -21.85 -11.82 -9.76
N ALA A 97 -22.09 -12.96 -9.10
CA ALA A 97 -22.25 -12.93 -7.66
C ALA A 97 -20.93 -12.46 -7.02
N ILE A 98 -21.06 -11.71 -5.92
CA ILE A 98 -19.93 -11.10 -5.25
C ILE A 98 -19.88 -11.58 -3.81
N PHE A 99 -18.72 -12.09 -3.39
CA PHE A 99 -18.46 -12.40 -1.98
C PHE A 99 -17.09 -11.87 -1.58
N LEU A 100 -17.00 -11.29 -0.39
CA LEU A 100 -15.76 -10.65 0.07
C LEU A 100 -15.25 -11.32 1.33
N PHE A 101 -13.92 -11.40 1.45
CA PHE A 101 -13.30 -12.05 2.59
C PHE A 101 -12.21 -11.12 3.14
N ARG A 102 -12.31 -10.81 4.43
CA ARG A 102 -11.28 -10.00 5.10
C ARG A 102 -11.20 -10.48 6.54
N ASP A 103 -10.11 -11.14 6.92
CA ASP A 103 -9.88 -11.46 8.33
C ASP A 103 -8.81 -10.55 8.94
N ASP A 104 -8.54 -9.43 8.29
CA ASP A 104 -7.66 -8.37 8.76
C ASP A 104 -8.49 -7.44 9.63
N PHE A 105 -8.08 -7.22 10.88
CA PHE A 105 -8.90 -6.41 11.77
C PHE A 105 -8.63 -4.93 11.69
N ARG A 106 -7.73 -4.48 10.81
CA ARG A 106 -7.54 -3.06 10.61
C ARG A 106 -8.65 -2.48 9.75
N ARG A 107 -9.18 -1.34 10.16
CA ARG A 107 -10.22 -0.65 9.42
C ARG A 107 -9.58 0.47 8.61
N CYS A 108 -9.86 0.49 7.31
CA CYS A 108 -9.18 1.43 6.40
C CYS A 108 -10.19 1.93 5.37
N SER A 109 -10.86 3.03 5.69
CA SER A 109 -12.03 3.43 4.92
C SER A 109 -12.17 4.94 4.92
N ASP A 110 -12.97 5.44 3.96
CA ASP A 110 -13.38 6.83 3.84
C ASP A 110 -14.68 7.13 4.59
N ASN A 111 -15.42 6.10 5.01
CA ASN A 111 -16.79 6.26 5.43
C ASN A 111 -17.07 5.38 6.64
N GLU A 112 -18.15 5.69 7.35
CA GLU A 112 -18.53 4.92 8.51
C GLU A 112 -19.36 3.70 8.16
N ARG A 113 -19.98 3.68 6.98
CA ARG A 113 -20.82 2.56 6.59
C ARG A 113 -20.00 1.29 6.37
N TYR A 114 -18.86 1.41 5.67
CA TYR A 114 -18.12 0.23 5.22
C TYR A 114 -16.70 0.21 5.80
N PRO A 115 -16.13 -0.98 6.05
CA PRO A 115 -14.76 -1.04 6.58
C PRO A 115 -13.68 -0.78 5.52
N LEU A 116 -14.04 -0.67 4.24
CA LEU A 116 -13.08 -0.42 3.19
C LEU A 116 -13.65 0.64 2.25
N ASN A 117 -12.83 1.05 1.28
CA ASN A 117 -13.30 1.94 0.22
C ASN A 117 -14.68 1.54 -0.28
N LEU A 118 -15.56 2.53 -0.42
CA LEU A 118 -16.95 2.24 -0.71
C LEU A 118 -17.15 1.57 -2.06
N MET A 119 -16.22 1.72 -3.02
CA MET A 119 -16.43 1.10 -4.32
C MET A 119 -16.43 -0.44 -4.24
N LEU A 120 -15.74 -1.01 -3.26
CA LEU A 120 -15.67 -2.46 -3.20
C LEU A 120 -17.05 -3.08 -2.95
N PHE A 121 -18.00 -2.28 -2.46
CA PHE A 121 -19.35 -2.75 -2.12
C PHE A 121 -20.40 -2.28 -3.13
N ALA A 122 -19.96 -1.80 -4.30
CA ALA A 122 -20.91 -1.25 -5.27
C ALA A 122 -21.81 -2.31 -5.88
N GLY A 123 -21.36 -3.56 -5.94
CA GLY A 123 -22.15 -4.66 -6.44
C GLY A 123 -22.89 -5.45 -5.39
N LEU A 124 -22.82 -5.04 -4.14
CA LEU A 124 -23.60 -5.66 -3.08
C LEU A 124 -24.79 -4.80 -2.69
N PRO A 125 -25.83 -5.41 -2.11
CA PRO A 125 -27.04 -4.64 -1.76
C PRO A 125 -26.78 -3.57 -0.72
N GLU A 126 -27.65 -2.55 -0.72
CA GLU A 126 -27.53 -1.49 0.26
C GLU A 126 -27.73 -2.02 1.67
N ILE A 127 -28.71 -2.91 1.85
CA ILE A 127 -29.02 -3.50 3.14
C ILE A 127 -28.66 -4.97 3.08
N GLY A 128 -28.00 -5.46 4.12
CA GLY A 128 -27.63 -6.85 4.20
C GLY A 128 -26.37 -7.21 3.45
N TRP A 129 -25.56 -6.21 3.06
CA TRP A 129 -24.29 -6.50 2.43
C TRP A 129 -23.40 -7.33 3.35
N GLU A 130 -23.54 -7.18 4.67
CA GLU A 130 -22.71 -7.93 5.62
C GLU A 130 -22.83 -9.43 5.45
N ASN A 131 -23.97 -9.92 4.98
CA ASN A 131 -24.17 -11.35 4.82
C ASN A 131 -23.27 -11.91 3.72
N TYR A 132 -22.70 -11.05 2.88
CA TYR A 132 -21.79 -11.44 1.83
C TYR A 132 -20.33 -11.26 2.23
N TYR A 133 -20.09 -10.84 3.46
CA TYR A 133 -18.78 -10.38 3.92
C TYR A 133 -18.30 -11.36 4.96
N TYR A 134 -17.25 -12.11 4.65
CA TYR A 134 -16.71 -13.13 5.52
C TYR A 134 -15.47 -12.60 6.23
N THR A 135 -15.36 -12.88 7.54
CA THR A 135 -14.24 -12.41 8.35
C THR A 135 -13.44 -13.52 9.00
N SER A 136 -13.66 -14.78 8.61
CA SER A 136 -12.75 -15.83 9.04
C SER A 136 -12.99 -17.02 8.14
N VAL A 137 -11.94 -17.84 8.00
CA VAL A 137 -12.06 -19.01 7.15
C VAL A 137 -13.16 -19.92 7.65
N ASP A 138 -13.29 -20.03 8.97
CA ASP A 138 -14.28 -20.95 9.55
C ASP A 138 -15.71 -20.53 9.25
N GLU A 139 -15.91 -19.29 8.84
CA GLU A 139 -17.24 -18.78 8.54
C GLU A 139 -17.69 -19.09 7.13
N ILE A 140 -16.78 -19.56 6.26
CA ILE A 140 -17.10 -19.68 4.84
C ILE A 140 -18.23 -20.67 4.62
N GLN A 141 -18.27 -21.75 5.38
CA GLN A 141 -19.28 -22.76 5.19
C GLN A 141 -20.54 -22.51 6.01
N SER A 142 -20.68 -21.35 6.65
CA SER A 142 -21.87 -21.06 7.42
C SER A 142 -23.11 -21.06 6.53
N HIS A 143 -24.16 -21.76 6.97
CA HIS A 143 -25.42 -21.82 6.23
C HIS A 143 -26.25 -20.54 6.38
N ASP A 144 -25.86 -19.61 7.25
CA ASP A 144 -26.54 -18.34 7.41
C ASP A 144 -25.93 -17.22 6.58
N LYS A 145 -24.88 -17.51 5.81
CA LYS A 145 -24.20 -16.49 5.03
C LYS A 145 -24.51 -16.69 3.56
N ALA A 146 -24.20 -15.65 2.77
CA ALA A 146 -24.75 -15.52 1.43
C ALA A 146 -24.23 -16.59 0.47
N LEU A 147 -23.00 -17.07 0.67
CA LEU A 147 -22.43 -18.05 -0.27
C LEU A 147 -23.22 -19.36 -0.24
N TYR A 148 -23.52 -19.87 0.96
CA TYR A 148 -24.34 -21.07 1.06
C TYR A 148 -25.72 -20.86 0.46
N LYS A 149 -26.39 -19.76 0.84
CA LYS A 149 -27.73 -19.50 0.34
C LYS A 149 -27.75 -19.40 -1.18
N TRP A 150 -26.71 -18.78 -1.76
CA TRP A 150 -26.63 -18.64 -3.20
C TRP A 150 -26.49 -20.00 -3.89
N LEU A 151 -25.72 -20.91 -3.30
CA LEU A 151 -25.57 -22.25 -3.87
C LEU A 151 -26.90 -22.97 -3.92
N THR A 152 -27.71 -22.81 -2.88
CA THR A 152 -29.00 -23.45 -2.76
C THR A 152 -30.10 -22.46 -3.13
N LYS B 1 24.78 -17.29 26.27
CA LYS B 1 23.49 -16.59 26.37
C LYS B 1 23.00 -16.17 24.99
N ARG B 2 21.74 -16.49 24.70
CA ARG B 2 21.20 -16.40 23.35
C ARG B 2 21.15 -14.96 22.87
N LYS B 3 21.44 -14.77 21.58
CA LYS B 3 21.09 -13.52 20.93
C LYS B 3 19.58 -13.39 20.83
N ILE B 4 19.10 -12.15 20.90
CA ILE B 4 17.68 -11.82 20.94
C ILE B 4 17.31 -11.21 19.60
N ILE B 5 16.37 -11.83 18.89
CA ILE B 5 15.82 -11.28 17.65
C ILE B 5 14.43 -10.71 17.93
N PHE B 6 14.21 -9.48 17.51
CA PHE B 6 12.87 -8.91 17.51
C PHE B 6 12.28 -9.22 16.13
N LEU B 7 11.22 -10.02 16.10
CA LEU B 7 10.62 -10.50 14.85
C LEU B 7 9.48 -9.57 14.46
N SER B 8 9.76 -8.60 13.62
CA SER B 8 8.80 -7.57 13.27
C SER B 8 8.04 -8.00 12.02
N SER B 9 6.71 -7.95 12.07
CA SER B 9 5.93 -8.40 10.93
C SER B 9 4.53 -7.82 11.00
N PRO B 10 3.80 -7.80 9.89
CA PRO B 10 2.38 -7.47 9.90
C PRO B 10 1.46 -8.67 10.00
N TYR B 11 1.99 -9.85 10.33
CA TYR B 11 1.19 -11.07 10.24
C TYR B 11 0.19 -11.19 11.39
N GLY B 12 0.38 -10.43 12.46
CA GLY B 12 -0.60 -10.44 13.55
C GLY B 12 -1.89 -9.72 13.25
N PHE B 13 -1.99 -9.03 12.12
CA PHE B 13 -3.23 -8.31 11.83
C PHE B 13 -4.31 -9.22 11.23
N SER B 14 -3.93 -10.37 10.66
CA SER B 14 -4.86 -11.29 10.00
C SER B 14 -4.93 -12.59 10.79
N GLN B 15 -6.15 -13.04 11.10
CA GLN B 15 -6.27 -14.23 11.93
C GLN B 15 -5.53 -15.41 11.30
N GLN B 16 -5.73 -15.64 10.01
CA GLN B 16 -5.10 -16.79 9.36
C GLN B 16 -3.58 -16.62 9.30
N GLN B 17 -3.11 -15.40 8.99
CA GLN B 17 -1.68 -15.20 8.89
C GLN B 17 -1.01 -15.36 10.24
N LYS B 18 -1.62 -14.80 11.29
CA LYS B 18 -1.05 -14.97 12.62
C LYS B 18 -0.90 -16.43 12.97
N THR B 19 -1.89 -17.27 12.62
CA THR B 19 -1.90 -18.66 13.04
C THR B 19 -0.93 -19.52 12.24
N LEU B 20 -0.80 -19.25 10.94
CA LEU B 20 -0.11 -20.14 10.03
C LEU B 20 1.27 -19.65 9.61
N LEU B 21 1.48 -18.34 9.50
CA LEU B 21 2.73 -17.82 8.95
C LEU B 21 3.79 -17.58 10.02
N LEU B 22 3.41 -17.08 11.21
CA LEU B 22 4.43 -16.73 12.19
C LEU B 22 5.11 -17.94 12.83
N PRO B 23 4.41 -18.98 13.29
CA PRO B 23 5.08 -20.06 14.03
C PRO B 23 6.21 -20.69 13.22
N PRO B 24 6.06 -20.91 11.92
CA PRO B 24 7.18 -21.51 11.16
C PRO B 24 8.42 -20.61 11.14
N ILE B 25 8.23 -19.28 11.13
CA ILE B 25 9.36 -18.38 11.17
C ILE B 25 9.98 -18.37 12.55
N VAL B 26 9.14 -18.29 13.60
CA VAL B 26 9.63 -18.41 14.96
C VAL B 26 10.45 -19.69 15.13
N ARG B 27 9.94 -20.83 14.66
CA ARG B 27 10.67 -22.08 14.81
C ARG B 27 11.99 -22.03 14.06
N ALA B 28 11.99 -21.45 12.86
CA ALA B 28 13.23 -21.37 12.09
C ALA B 28 14.30 -20.61 12.86
N LEU B 29 13.93 -19.45 13.44
CA LEU B 29 14.90 -18.67 14.21
C LEU B 29 15.36 -19.42 15.45
N GLU B 30 14.44 -20.06 16.17
CA GLU B 30 14.82 -20.78 17.37
C GLU B 30 15.76 -21.94 17.05
N ALA B 31 15.61 -22.55 15.88
CA ALA B 31 16.48 -23.64 15.46
C ALA B 31 17.92 -23.19 15.36
N LEU B 32 18.17 -21.89 15.23
CA LEU B 32 19.51 -21.34 15.23
C LEU B 32 20.01 -21.04 16.63
N GLY B 33 19.21 -21.30 17.65
CA GLY B 33 19.56 -20.94 19.00
C GLY B 33 19.25 -19.52 19.39
N ILE B 34 18.40 -18.82 18.62
CA ILE B 34 18.04 -17.44 18.90
C ILE B 34 16.84 -17.40 19.83
N GLU B 35 16.79 -16.40 20.72
CA GLU B 35 15.58 -16.10 21.47
C GLU B 35 14.76 -15.08 20.68
N VAL B 36 13.51 -15.43 20.40
CA VAL B 36 12.64 -14.65 19.51
C VAL B 36 11.65 -13.84 20.34
N TRP B 37 11.62 -12.53 20.10
CA TRP B 37 10.63 -11.63 20.70
C TRP B 37 9.66 -11.24 19.59
N GLU B 38 8.47 -11.80 19.64
CA GLU B 38 7.47 -11.55 18.61
C GLU B 38 6.41 -10.64 19.22
N PRO B 39 6.27 -9.40 18.74
CA PRO B 39 5.46 -8.41 19.48
C PRO B 39 3.98 -8.75 19.63
N PHE B 40 3.35 -9.42 18.67
CA PHE B 40 1.94 -9.73 18.84
C PHE B 40 1.73 -10.67 20.01
N ALA B 41 2.62 -11.65 20.17
CA ALA B 41 2.54 -12.53 21.33
C ALA B 41 2.89 -11.78 22.61
N ARG B 42 3.99 -10.99 22.59
CA ARG B 42 4.48 -10.41 23.83
C ARG B 42 3.51 -9.42 24.43
N ASN B 43 2.56 -8.93 23.65
CA ASN B 43 1.59 -7.94 24.10
C ASN B 43 0.23 -8.55 24.43
N ASN B 44 0.12 -9.89 24.53
CA ASN B 44 -1.18 -10.53 24.74
C ASN B 44 -1.78 -10.28 26.12
N GLN B 45 -0.96 -9.85 27.08
CA GLN B 45 -1.38 -9.59 28.44
C GLN B 45 -1.80 -8.14 28.68
N ILE B 46 -1.71 -7.27 27.66
CA ILE B 46 -2.19 -5.90 27.79
C ILE B 46 -3.71 -5.91 27.96
N ASP B 47 -4.22 -4.95 28.73
CA ASP B 47 -5.66 -4.79 28.90
C ASP B 47 -6.22 -3.99 27.73
N PHE B 48 -6.80 -4.67 26.75
CA PHE B 48 -7.28 -4.03 25.53
C PHE B 48 -8.65 -3.39 25.68
N SER B 49 -9.19 -3.36 26.90
CA SER B 49 -10.44 -2.66 27.12
C SER B 49 -10.23 -1.17 27.41
N GLN B 50 -9.03 -0.78 27.85
CA GLN B 50 -8.71 0.62 28.08
C GLN B 50 -8.13 1.25 26.81
N ALA B 51 -8.62 2.45 26.47
CA ALA B 51 -8.23 3.08 25.19
C ALA B 51 -6.74 3.37 25.12
N ASP B 52 -6.07 3.51 26.27
CA ASP B 52 -4.63 3.72 26.21
C ASP B 52 -3.84 2.48 25.78
N TRP B 53 -4.48 1.34 25.47
CA TRP B 53 -3.70 0.15 25.12
C TRP B 53 -2.78 0.41 23.95
N ALA B 54 -3.20 1.25 23.01
CA ALA B 54 -2.36 1.51 21.85
C ALA B 54 -1.07 2.21 22.27
N TYR B 55 -1.15 3.07 23.27
CA TYR B 55 0.09 3.72 23.73
C TYR B 55 0.98 2.74 24.45
N ARG B 56 0.39 1.84 25.25
CA ARG B 56 1.20 0.84 25.96
C ARG B 56 1.88 -0.10 24.97
N VAL B 57 1.17 -0.53 23.92
CA VAL B 57 1.77 -1.42 22.94
C VAL B 57 2.91 -0.70 22.23
N ALA B 58 2.66 0.52 21.76
CA ALA B 58 3.73 1.29 21.12
C ALA B 58 4.98 1.34 22.01
N GLN B 59 4.82 1.71 23.28
CA GLN B 59 5.98 1.82 24.17
C GLN B 59 6.64 0.45 24.40
N ALA B 60 5.83 -0.59 24.58
CA ALA B 60 6.39 -1.93 24.77
C ALA B 60 7.23 -2.34 23.57
N ASP B 61 6.70 -2.11 22.36
CA ASP B 61 7.44 -2.45 21.15
C ASP B 61 8.70 -1.60 21.03
N LEU B 62 8.59 -0.31 21.28
CA LEU B 62 9.76 0.56 21.30
C LEU B 62 10.84 0.01 22.24
N GLN B 63 10.45 -0.39 23.45
CA GLN B 63 11.43 -0.91 24.40
C GLN B 63 12.02 -2.23 23.93
N ASP B 64 11.20 -3.12 23.36
CA ASP B 64 11.74 -4.38 22.85
C ASP B 64 12.81 -4.15 21.80
N VAL B 65 12.60 -3.14 20.94
CA VAL B 65 13.58 -2.87 19.88
C VAL B 65 14.86 -2.29 20.48
N LYS B 66 14.74 -1.43 21.49
CA LYS B 66 15.92 -0.94 22.18
C LYS B 66 16.71 -2.07 22.83
N ASN B 67 16.02 -3.10 23.33
CA ASN B 67 16.65 -4.14 24.14
C ASN B 67 17.05 -5.38 23.36
N CYS B 68 16.71 -5.47 22.09
CA CYS B 68 17.04 -6.65 21.31
C CYS B 68 18.49 -6.57 20.81
N ASP B 69 18.99 -7.68 20.27
CA ASP B 69 20.28 -7.62 19.60
C ASP B 69 20.16 -7.41 18.10
N GLY B 70 19.07 -7.88 17.49
CA GLY B 70 18.87 -7.65 16.07
C GLY B 70 17.39 -7.67 15.81
N ILE B 71 17.02 -7.18 14.63
CA ILE B 71 15.63 -7.23 14.18
C ILE B 71 15.54 -8.17 12.99
N PHE B 72 14.48 -8.96 12.94
CA PHE B 72 14.17 -9.76 11.76
C PHE B 72 12.88 -9.16 11.21
N ALA B 73 12.99 -8.42 10.12
CA ALA B 73 11.88 -7.63 9.60
C ALA B 73 11.26 -8.36 8.41
N VAL B 74 10.01 -8.77 8.56
CA VAL B 74 9.23 -9.35 7.46
C VAL B 74 8.71 -8.19 6.62
N VAL B 75 9.29 -8.00 5.42
CA VAL B 75 9.01 -6.83 4.61
C VAL B 75 8.30 -7.23 3.32
N ASN B 76 7.45 -8.25 3.41
CA ASN B 76 6.50 -8.57 2.35
C ASN B 76 5.48 -7.44 2.17
N GLY B 77 4.75 -7.48 1.06
CA GLY B 77 3.74 -6.48 0.76
C GLY B 77 4.25 -5.41 -0.20
N THR B 78 3.30 -4.68 -0.78
CA THR B 78 3.61 -3.53 -1.62
C THR B 78 2.70 -2.40 -1.16
N PRO B 79 3.20 -1.51 -0.28
CA PRO B 79 4.54 -1.50 0.29
C PRO B 79 4.66 -2.39 1.52
N PRO B 80 5.88 -2.50 2.05
CA PRO B 80 6.06 -3.14 3.35
C PRO B 80 5.32 -2.37 4.45
N ASP B 81 5.04 -3.08 5.55
CA ASP B 81 4.13 -2.56 6.57
C ASP B 81 4.76 -1.38 7.32
N GLU B 82 3.93 -0.37 7.60
CA GLU B 82 4.50 0.87 8.13
C GLU B 82 5.02 0.71 9.55
N GLY B 83 4.37 -0.12 10.36
CA GLY B 83 4.89 -0.40 11.69
C GLY B 83 6.21 -1.13 11.66
N VAL B 84 6.35 -2.12 10.76
CA VAL B 84 7.63 -2.81 10.56
C VAL B 84 8.69 -1.79 10.16
N MET B 85 8.35 -0.87 9.24
CA MET B 85 9.31 0.13 8.78
C MET B 85 9.75 1.06 9.91
N VAL B 86 8.83 1.54 10.76
CA VAL B 86 9.24 2.35 11.91
C VAL B 86 10.24 1.56 12.76
N GLU B 87 9.90 0.31 13.09
CA GLU B 87 10.77 -0.47 13.96
C GLU B 87 12.10 -0.74 13.29
N LEU B 88 12.08 -0.98 11.98
CA LEU B 88 13.34 -1.13 11.24
C LEU B 88 14.19 0.13 11.36
N GLY B 89 13.56 1.30 11.23
CA GLY B 89 14.29 2.56 11.35
C GLY B 89 14.83 2.76 12.75
N MET B 90 14.02 2.46 13.77
CA MET B 90 14.57 2.43 15.12
C MET B 90 15.80 1.54 15.20
N ALA B 91 15.70 0.30 14.68
CA ALA B 91 16.83 -0.62 14.79
C ALA B 91 18.06 -0.08 14.08
N ILE B 92 17.89 0.52 12.90
CA ILE B 92 19.04 1.07 12.19
C ILE B 92 19.72 2.14 13.03
N ALA B 93 18.93 3.07 13.59
CA ALA B 93 19.50 4.18 14.34
C ALA B 93 20.18 3.71 15.63
N LEU B 94 19.69 2.64 16.22
CA LEU B 94 20.28 2.05 17.42
C LEU B 94 21.41 1.08 17.12
N ASN B 95 21.93 1.03 15.89
CA ASN B 95 23.04 0.14 15.52
C ASN B 95 22.77 -1.33 15.85
N LYS B 96 21.52 -1.76 15.77
CA LYS B 96 21.23 -3.19 15.92
C LYS B 96 21.59 -3.95 14.65
N ALA B 97 21.74 -5.26 14.79
CA ALA B 97 21.90 -6.13 13.62
C ALA B 97 20.58 -6.18 12.87
N ILE B 98 20.64 -6.10 11.54
CA ILE B 98 19.44 -6.00 10.68
C ILE B 98 19.37 -7.20 9.76
N PHE B 99 18.23 -7.88 9.76
CA PHE B 99 17.96 -8.95 8.81
C PHE B 99 16.58 -8.73 8.20
N LEU B 100 16.49 -8.82 6.88
CA LEU B 100 15.26 -8.59 6.15
C LEU B 100 14.76 -9.88 5.53
N PHE B 101 13.44 -10.06 5.55
CA PHE B 101 12.78 -11.23 4.98
C PHE B 101 11.73 -10.78 3.98
N ARG B 102 11.84 -11.23 2.72
CA ARG B 102 10.83 -11.00 1.69
C ARG B 102 10.75 -12.22 0.80
N ASP B 103 9.68 -13.02 0.90
CA ASP B 103 9.43 -14.08 -0.07
C ASP B 103 8.35 -13.71 -1.09
N ASP B 104 7.97 -12.43 -1.09
CA ASP B 104 7.09 -11.80 -2.06
C ASP B 104 7.85 -11.59 -3.36
N PHE B 105 7.42 -12.21 -4.46
CA PHE B 105 8.30 -12.07 -5.61
C PHE B 105 8.02 -10.82 -6.43
N ARG B 106 7.17 -9.92 -5.94
CA ARG B 106 7.01 -8.63 -6.60
C ARG B 106 8.21 -7.75 -6.24
N ARG B 107 8.80 -7.10 -7.24
CA ARG B 107 9.85 -6.12 -7.04
C ARG B 107 9.24 -4.74 -7.07
N CYS B 108 9.59 -3.91 -6.06
CA CYS B 108 8.86 -2.65 -5.81
C CYS B 108 9.84 -1.63 -5.27
N SER B 109 10.55 -0.95 -6.17
CA SER B 109 11.73 -0.21 -5.79
C SER B 109 11.86 1.04 -6.62
N ASP B 110 12.67 1.97 -6.11
CA ASP B 110 12.99 3.24 -6.76
C ASP B 110 14.32 3.20 -7.52
N ASN B 111 14.97 2.04 -7.61
CA ASN B 111 16.37 2.00 -7.99
C ASN B 111 16.72 0.61 -8.49
N GLU B 112 17.86 0.50 -9.17
CA GLU B 112 18.25 -0.75 -9.78
C GLU B 112 19.04 -1.65 -8.83
N ARG B 113 19.63 -1.10 -7.77
CA ARG B 113 20.47 -1.89 -6.87
C ARG B 113 19.62 -2.76 -5.94
N TYR B 114 18.62 -2.18 -5.28
CA TYR B 114 17.86 -2.88 -4.25
C TYR B 114 16.46 -3.22 -4.72
N PRO B 115 15.87 -4.32 -4.23
CA PRO B 115 14.51 -4.69 -4.65
C PRO B 115 13.41 -3.86 -4.02
N LEU B 116 13.74 -3.04 -3.01
CA LEU B 116 12.77 -2.23 -2.31
C LEU B 116 13.34 -0.82 -2.14
N ASN B 117 12.51 0.07 -1.58
CA ASN B 117 12.92 1.44 -1.32
C ASN B 117 14.30 1.43 -0.67
N LEU B 118 15.21 2.23 -1.21
CA LEU B 118 16.60 2.19 -0.77
C LEU B 118 16.77 2.40 0.73
N MET B 119 15.83 3.09 1.40
CA MET B 119 16.07 3.43 2.81
C MET B 119 16.01 2.20 3.71
N LEU B 120 15.37 1.12 3.26
CA LEU B 120 15.33 -0.10 4.05
C LEU B 120 16.72 -0.72 4.21
N PHE B 121 17.65 -0.39 3.33
CA PHE B 121 18.97 -0.99 3.31
C PHE B 121 20.03 -0.06 3.88
N ALA B 122 19.61 1.10 4.41
CA ALA B 122 20.54 2.09 4.94
C ALA B 122 21.36 1.58 6.12
N GLY B 123 20.84 0.60 6.86
CA GLY B 123 21.56 0.01 7.98
C GLY B 123 22.46 -1.14 7.62
N LEU B 124 22.45 -1.60 6.35
CA LEU B 124 23.27 -2.71 5.88
C LEU B 124 24.51 -2.20 5.18
N PRO B 125 25.57 -3.01 5.14
CA PRO B 125 26.79 -2.60 4.44
C PRO B 125 26.55 -2.39 2.95
N GLU B 126 27.40 -1.55 2.35
CA GLU B 126 27.33 -1.35 0.91
C GLU B 126 27.55 -2.67 0.17
N ILE B 127 28.57 -3.41 0.54
CA ILE B 127 28.89 -4.70 -0.07
C ILE B 127 28.23 -5.81 0.74
N GLY B 128 27.70 -6.80 0.03
CA GLY B 128 27.14 -7.98 0.69
C GLY B 128 25.84 -7.76 1.44
N TRP B 129 25.13 -6.67 1.15
CA TRP B 129 23.84 -6.47 1.81
C TRP B 129 22.92 -7.68 1.57
N GLU B 130 23.03 -8.33 0.41
CA GLU B 130 22.09 -9.40 0.10
C GLU B 130 22.28 -10.60 1.02
N ASN B 131 23.44 -10.70 1.69
CA ASN B 131 23.65 -11.77 2.65
C ASN B 131 22.68 -11.68 3.83
N TYR B 132 22.13 -10.49 4.10
CA TYR B 132 21.14 -10.28 5.16
C TYR B 132 19.70 -10.37 4.66
N TYR B 133 19.50 -10.68 3.38
CA TYR B 133 18.20 -10.58 2.74
C TYR B 133 17.73 -12.00 2.44
N TYR B 134 16.70 -12.46 3.15
CA TYR B 134 16.20 -13.83 3.04
C TYR B 134 14.94 -13.84 2.19
N THR B 135 14.88 -14.78 1.25
CA THR B 135 13.75 -14.82 0.33
C THR B 135 12.89 -16.06 0.49
N SER B 136 13.20 -16.90 1.49
CA SER B 136 12.29 -18.00 1.82
C SER B 136 12.53 -18.42 3.27
N VAL B 137 11.48 -19.00 3.87
CA VAL B 137 11.62 -19.52 5.23
C VAL B 137 12.72 -20.57 5.30
N ASP B 138 12.84 -21.42 4.28
CA ASP B 138 13.84 -22.49 4.31
C ASP B 138 15.27 -21.94 4.34
N GLU B 139 15.49 -20.75 3.78
CA GLU B 139 16.81 -20.15 3.72
C GLU B 139 17.28 -19.55 5.04
N ILE B 140 16.42 -19.47 6.05
CA ILE B 140 16.82 -18.88 7.33
C ILE B 140 17.95 -19.69 7.96
N GLN B 141 17.94 -21.01 7.75
CA GLN B 141 18.93 -21.92 8.31
C GLN B 141 20.28 -21.87 7.60
N SER B 142 20.43 -21.11 6.52
CA SER B 142 21.62 -21.22 5.70
C SER B 142 22.88 -20.78 6.46
N HIS B 143 23.88 -21.67 6.51
CA HIS B 143 25.17 -21.33 7.10
C HIS B 143 25.94 -20.29 6.29
N ASP B 144 25.51 -19.97 5.07
CA ASP B 144 26.17 -18.96 4.25
C ASP B 144 25.56 -17.57 4.41
N LYS B 145 24.53 -17.39 5.22
CA LYS B 145 23.84 -16.11 5.32
C LYS B 145 24.15 -15.44 6.66
N ALA B 146 23.67 -14.20 6.79
CA ALA B 146 24.16 -13.31 7.85
C ALA B 146 23.79 -13.81 9.24
N LEU B 147 22.58 -14.35 9.43
CA LEU B 147 22.20 -14.82 10.77
C LEU B 147 23.19 -15.84 11.31
N TYR B 148 23.66 -16.77 10.47
CA TYR B 148 24.57 -17.80 10.95
C TYR B 148 25.97 -17.25 11.20
N LYS B 149 26.51 -16.45 10.25
CA LYS B 149 27.76 -15.75 10.49
C LYS B 149 27.72 -14.92 11.77
N TRP B 150 26.59 -14.24 11.99
CA TRP B 150 26.40 -13.48 13.24
C TRP B 150 26.60 -14.38 14.45
N LEU B 151 26.02 -15.57 14.44
CA LEU B 151 26.08 -16.42 15.61
C LEU B 151 27.41 -17.14 15.77
N THR B 152 28.20 -17.26 14.69
CA THR B 152 29.48 -17.94 14.75
C THR B 152 30.66 -16.97 14.70
N GLY B 153 30.41 -15.66 14.83
CA GLY B 153 31.49 -14.70 14.82
C GLY B 153 32.27 -14.66 13.52
N MET B 154 31.62 -14.95 12.40
CA MET B 154 32.24 -14.84 11.09
C MET B 154 31.58 -13.71 10.28
N ARG C 2 19.23 28.49 14.41
CA ARG C 2 18.03 28.19 13.60
C ARG C 2 17.72 26.70 13.51
N LYS C 3 16.50 26.31 13.93
CA LYS C 3 16.14 24.89 14.01
C LYS C 3 16.07 24.26 12.61
N ILE C 4 16.45 22.99 12.53
CA ILE C 4 16.54 22.27 11.26
C ILE C 4 15.46 21.19 11.24
N ILE C 5 14.57 21.25 10.24
CA ILE C 5 13.57 20.21 10.01
C ILE C 5 14.00 19.34 8.83
N PHE C 6 13.92 18.04 8.99
CA PHE C 6 14.07 17.11 7.88
C PHE C 6 12.66 16.84 7.35
N LEU C 7 12.37 17.29 6.13
CA LEU C 7 11.04 17.19 5.55
C LEU C 7 10.94 15.88 4.76
N SER C 8 10.36 14.86 5.38
CA SER C 8 10.38 13.50 4.85
C SER C 8 9.04 13.24 4.17
N SER C 9 9.06 12.91 2.89
CA SER C 9 7.80 12.74 2.17
C SER C 9 8.00 11.82 0.97
N PRO C 10 6.92 11.29 0.41
CA PRO C 10 7.00 10.51 -0.83
C PRO C 10 6.79 11.33 -2.10
N TYR C 11 6.72 12.65 -1.98
CA TYR C 11 6.26 13.49 -3.07
C TYR C 11 7.30 13.65 -4.17
N GLY C 12 8.57 13.32 -3.89
CA GLY C 12 9.58 13.37 -4.93
C GLY C 12 9.49 12.24 -5.96
N PHE C 13 8.65 11.24 -5.70
CA PHE C 13 8.53 10.14 -6.65
C PHE C 13 7.67 10.47 -7.85
N SER C 14 6.75 11.45 -7.75
CA SER C 14 5.84 11.81 -8.83
C SER C 14 6.18 13.22 -9.31
N GLN C 15 6.38 13.36 -10.63
CA GLN C 15 6.76 14.65 -11.20
C GLN C 15 5.84 15.77 -10.74
N GLN C 16 4.53 15.57 -10.87
CA GLN C 16 3.58 16.61 -10.50
C GLN C 16 3.61 16.89 -9.00
N GLN C 17 3.62 15.83 -8.18
CA GLN C 17 3.62 16.06 -6.74
C GLN C 17 4.88 16.79 -6.32
N LYS C 18 6.02 16.46 -6.94
CA LYS C 18 7.27 17.12 -6.61
C LYS C 18 7.18 18.62 -6.86
N THR C 19 6.66 19.02 -8.03
CA THR C 19 6.65 20.45 -8.37
C THR C 19 5.56 21.21 -7.65
N LEU C 20 4.40 20.59 -7.39
CA LEU C 20 3.25 21.32 -6.90
C LEU C 20 2.99 21.15 -5.40
N LEU C 21 3.25 19.99 -4.82
CA LEU C 21 2.87 19.80 -3.43
C LEU C 21 3.97 20.19 -2.44
N LEU C 22 5.25 19.94 -2.78
CA LEU C 22 6.33 20.17 -1.83
C LEU C 22 6.62 21.65 -1.58
N PRO C 23 6.71 22.52 -2.59
CA PRO C 23 7.12 23.91 -2.36
C PRO C 23 6.22 24.59 -1.33
N PRO C 24 4.90 24.41 -1.41
CA PRO C 24 4.02 25.04 -0.41
C PRO C 24 4.33 24.61 1.03
N ILE C 25 4.66 23.33 1.24
CA ILE C 25 5.00 22.88 2.59
C ILE C 25 6.35 23.45 3.02
N VAL C 26 7.35 23.37 2.14
CA VAL C 26 8.64 24.02 2.38
C VAL C 26 8.43 25.48 2.78
N ARG C 27 7.61 26.21 2.02
CA ARG C 27 7.46 27.65 2.31
C ARG C 27 6.80 27.87 3.66
N ALA C 28 5.82 27.03 4.02
CA ALA C 28 5.15 27.19 5.31
C ALA C 28 6.11 26.97 6.46
N LEU C 29 6.95 25.94 6.35
CA LEU C 29 7.97 25.70 7.36
C LEU C 29 8.99 26.84 7.38
N GLU C 30 9.41 27.33 6.21
CA GLU C 30 10.42 28.39 6.19
C GLU C 30 9.87 29.68 6.78
N ALA C 31 8.57 29.93 6.63
CA ALA C 31 7.95 31.12 7.18
C ALA C 31 7.90 31.10 8.71
N LEU C 32 8.07 29.94 9.34
CA LEU C 32 8.23 29.89 10.79
C LEU C 32 9.64 30.17 11.22
N GLY C 33 10.56 30.30 10.28
CA GLY C 33 11.95 30.53 10.57
C GLY C 33 12.78 29.28 10.67
N ILE C 34 12.30 28.17 10.13
CA ILE C 34 13.00 26.88 10.18
C ILE C 34 13.87 26.71 8.95
N GLU C 35 15.04 26.10 9.11
CA GLU C 35 15.83 25.65 7.98
C GLU C 35 15.34 24.26 7.56
N VAL C 36 14.83 24.15 6.33
CA VAL C 36 14.21 22.91 5.85
C VAL C 36 15.22 22.10 5.06
N TRP C 37 15.40 20.82 5.43
CA TRP C 37 16.20 19.89 4.65
C TRP C 37 15.24 18.94 3.93
N GLU C 38 15.16 19.09 2.62
CA GLU C 38 14.27 18.27 1.82
C GLU C 38 15.11 17.27 1.03
N PRO C 39 14.94 15.97 1.25
CA PRO C 39 15.92 15.00 0.74
C PRO C 39 15.99 14.90 -0.78
N PHE C 40 14.88 15.07 -1.52
CA PHE C 40 14.98 14.99 -2.96
C PHE C 40 15.78 16.16 -3.51
N ALA C 41 15.56 17.37 -2.99
CA ALA C 41 16.36 18.52 -3.41
C ALA C 41 17.82 18.35 -3.02
N ARG C 42 18.09 17.88 -1.80
CA ARG C 42 19.45 17.84 -1.30
C ARG C 42 20.31 16.80 -2.01
N ASN C 43 19.70 15.79 -2.62
CA ASN C 43 20.43 14.74 -3.31
C ASN C 43 20.52 14.94 -4.82
N ASN C 44 20.21 16.12 -5.33
CA ASN C 44 20.17 16.29 -6.78
C ASN C 44 21.55 16.47 -7.41
N GLN C 45 22.62 16.53 -6.61
CA GLN C 45 23.99 16.57 -7.10
C GLN C 45 24.70 15.23 -6.95
N ILE C 46 23.94 14.14 -6.79
CA ILE C 46 24.49 12.79 -6.76
C ILE C 46 24.69 12.29 -8.19
N ASP C 47 25.73 11.49 -8.40
CA ASP C 47 26.03 10.95 -9.73
C ASP C 47 25.11 9.75 -9.95
N PHE C 48 23.97 9.98 -10.59
CA PHE C 48 22.97 8.93 -10.72
C PHE C 48 23.23 7.99 -11.89
N SER C 49 24.36 8.12 -12.59
CA SER C 49 24.69 7.18 -13.65
C SER C 49 25.34 5.91 -13.10
N GLN C 50 25.91 5.98 -11.90
CA GLN C 50 26.59 4.85 -11.27
C GLN C 50 25.65 4.09 -10.35
N ALA C 51 25.76 2.75 -10.38
CA ALA C 51 24.78 1.91 -9.68
C ALA C 51 24.75 2.16 -8.18
N ASP C 52 25.86 2.60 -7.59
CA ASP C 52 25.90 2.79 -6.15
C ASP C 52 25.16 4.04 -5.69
N TRP C 53 24.55 4.81 -6.60
CA TRP C 53 23.85 6.02 -6.18
C TRP C 53 22.81 5.72 -5.12
N ALA C 54 22.17 4.56 -5.19
CA ALA C 54 21.13 4.24 -4.21
C ALA C 54 21.72 4.16 -2.81
N TYR C 55 22.93 3.63 -2.68
CA TYR C 55 23.57 3.54 -1.38
C TYR C 55 23.97 4.93 -0.88
N ARG C 56 24.47 5.77 -1.78
CA ARG C 56 24.84 7.12 -1.40
C ARG C 56 23.63 7.91 -0.90
N VAL C 57 22.48 7.78 -1.58
CA VAL C 57 21.30 8.50 -1.12
C VAL C 57 20.88 7.97 0.25
N ALA C 58 20.91 6.65 0.43
CA ALA C 58 20.50 6.07 1.71
C ALA C 58 21.33 6.64 2.86
N GLN C 59 22.66 6.69 2.69
CA GLN C 59 23.57 7.21 3.72
C GLN C 59 23.43 8.72 3.91
N ALA C 60 23.24 9.47 2.82
CA ALA C 60 23.00 10.91 2.98
C ALA C 60 21.71 11.16 3.75
N ASP C 61 20.65 10.43 3.42
CA ASP C 61 19.39 10.57 4.17
C ASP C 61 19.57 10.19 5.63
N LEU C 62 20.22 9.06 5.88
CA LEU C 62 20.46 8.64 7.26
C LEU C 62 21.21 9.72 8.03
N GLN C 63 22.21 10.35 7.41
CA GLN C 63 22.99 11.36 8.11
C GLN C 63 22.17 12.64 8.36
N ASP C 64 21.38 13.06 7.37
CA ASP C 64 20.51 14.22 7.56
C ASP C 64 19.58 14.03 8.75
N VAL C 65 19.06 12.81 8.93
CA VAL C 65 18.19 12.57 10.08
C VAL C 65 19.00 12.60 11.38
N LYS C 66 20.22 12.06 11.37
CA LYS C 66 21.07 12.16 12.55
C LYS C 66 21.36 13.61 12.90
N ASN C 67 21.43 14.50 11.90
CA ASN C 67 21.89 15.87 12.09
C ASN C 67 20.78 16.90 12.16
N CYS C 68 19.55 16.52 11.89
CA CYS C 68 18.44 17.44 11.99
C CYS C 68 18.06 17.63 13.45
N ASP C 69 17.18 18.59 13.71
CA ASP C 69 16.62 18.79 15.05
C ASP C 69 15.26 18.15 15.20
N GLY C 70 14.45 18.15 14.14
CA GLY C 70 13.17 17.47 14.13
C GLY C 70 12.89 16.95 12.74
N ILE C 71 11.91 16.05 12.65
CA ILE C 71 11.44 15.52 11.38
C ILE C 71 10.01 15.98 11.16
N PHE C 72 9.73 16.43 9.94
CA PHE C 72 8.38 16.72 9.51
C PHE C 72 8.01 15.64 8.50
N ALA C 73 7.19 14.69 8.92
CA ALA C 73 6.96 13.49 8.11
C ALA C 73 5.60 13.61 7.44
N VAL C 74 5.58 13.59 6.11
CA VAL C 74 4.33 13.58 5.37
C VAL C 74 3.84 12.13 5.31
N VAL C 75 2.73 11.85 5.99
CA VAL C 75 2.28 10.46 6.13
C VAL C 75 0.91 10.29 5.50
N ASN C 76 0.66 11.00 4.41
CA ASN C 76 -0.47 10.69 3.55
C ASN C 76 -0.32 9.30 2.94
N GLY C 77 -1.43 8.78 2.40
CA GLY C 77 -1.41 7.52 1.70
C GLY C 77 -1.91 6.37 2.56
N THR C 78 -2.31 5.28 1.89
CA THR C 78 -2.68 4.06 2.59
C THR C 78 -1.87 2.90 2.00
N PRO C 79 -0.79 2.49 2.68
CA PRO C 79 -0.25 3.05 3.91
C PRO C 79 0.70 4.21 3.65
N PRO C 80 1.16 4.86 4.73
CA PRO C 80 2.23 5.85 4.57
C PRO C 80 3.47 5.24 3.92
N ASP C 81 4.28 6.10 3.31
CA ASP C 81 5.43 5.66 2.54
C ASP C 81 6.48 4.95 3.40
N GLU C 82 7.00 3.83 2.89
CA GLU C 82 7.91 3.02 3.70
C GLU C 82 9.22 3.74 4.01
N GLY C 83 9.72 4.54 3.06
CA GLY C 83 10.90 5.34 3.33
C GLY C 83 10.67 6.38 4.42
N VAL C 84 9.55 7.08 4.33
CA VAL C 84 9.21 8.04 5.38
C VAL C 84 9.17 7.33 6.73
N MET C 85 8.58 6.12 6.77
CA MET C 85 8.44 5.37 8.01
C MET C 85 9.81 4.97 8.58
N VAL C 86 10.72 4.47 7.73
CA VAL C 86 12.08 4.18 8.20
C VAL C 86 12.67 5.43 8.86
N GLU C 87 12.57 6.57 8.17
CA GLU C 87 13.16 7.81 8.66
C GLU C 87 12.48 8.28 9.94
N LEU C 88 11.15 8.24 9.97
CA LEU C 88 10.43 8.46 11.24
C LEU C 88 10.98 7.57 12.33
N GLY C 89 11.14 6.28 12.05
CA GLY C 89 11.68 5.36 13.04
C GLY C 89 13.06 5.77 13.51
N MET C 90 13.96 6.11 12.58
CA MET C 90 15.24 6.66 12.98
C MET C 90 15.08 7.88 13.89
N ALA C 91 14.19 8.81 13.51
CA ALA C 91 14.04 10.04 14.29
C ALA C 91 13.59 9.73 15.71
N ILE C 92 12.63 8.81 15.86
CA ILE C 92 12.14 8.42 17.18
C ILE C 92 13.28 7.90 18.04
N ALA C 93 14.08 6.97 17.50
CA ALA C 93 15.15 6.38 18.28
C ALA C 93 16.22 7.40 18.64
N LEU C 94 16.39 8.42 17.82
CA LEU C 94 17.42 9.42 18.08
C LEU C 94 16.88 10.60 18.87
N ASN C 95 15.67 10.49 19.44
CA ASN C 95 15.06 11.55 20.25
C ASN C 95 15.03 12.90 19.52
N LYS C 96 14.82 12.87 18.22
CA LYS C 96 14.49 14.10 17.51
C LYS C 96 13.06 14.49 17.82
N ALA C 97 12.74 15.77 17.58
CA ALA C 97 11.36 16.21 17.66
C ALA C 97 10.58 15.64 16.46
N ILE C 98 9.34 15.22 16.71
CA ILE C 98 8.52 14.53 15.71
C ILE C 98 7.31 15.38 15.38
N PHE C 99 7.09 15.63 14.09
CA PHE C 99 5.88 16.28 13.60
C PHE C 99 5.30 15.48 12.43
N LEU C 100 4.00 15.20 12.47
CA LEU C 100 3.32 14.40 11.45
C LEU C 100 2.36 15.27 10.63
N PHE C 101 2.31 15.01 9.33
CA PHE C 101 1.41 15.71 8.42
C PHE C 101 0.55 14.71 7.66
N ARG C 102 -0.77 14.90 7.71
CA ARG C 102 -1.69 14.04 6.98
C ARG C 102 -2.96 14.82 6.68
N ASP C 103 -3.13 15.24 5.44
CA ASP C 103 -4.33 15.94 5.04
C ASP C 103 -5.23 15.03 4.21
N ASP C 104 -4.90 13.74 4.17
CA ASP C 104 -5.73 12.69 3.57
C ASP C 104 -6.81 12.32 4.57
N PHE C 105 -8.08 12.36 4.15
CA PHE C 105 -9.11 12.21 5.17
C PHE C 105 -9.47 10.77 5.47
N ARG C 106 -8.80 9.78 4.84
CA ARG C 106 -9.09 8.39 5.16
C ARG C 106 -8.44 8.00 6.48
N ARG C 107 -9.20 7.33 7.35
CA ARG C 107 -8.65 6.77 8.58
C ARG C 107 -8.21 5.33 8.34
N CYS C 108 -7.01 4.98 8.78
CA CYS C 108 -6.51 3.65 8.43
C CYS C 108 -5.63 3.17 9.59
N SER C 109 -6.26 2.51 10.56
CA SER C 109 -5.55 2.27 11.82
C SER C 109 -5.96 0.95 12.43
N ASP C 110 -5.15 0.51 13.39
CA ASP C 110 -5.35 -0.72 14.15
C ASP C 110 -5.93 -0.46 15.55
N ASN C 111 -6.51 0.71 15.80
CA ASN C 111 -6.83 1.10 17.18
C ASN C 111 -7.75 2.31 17.22
N GLU C 112 -8.37 2.53 18.38
CA GLU C 112 -9.32 3.62 18.52
C GLU C 112 -8.63 4.97 18.76
N ARG C 113 -7.45 4.95 19.37
CA ARG C 113 -6.84 6.18 19.87
C ARG C 113 -6.30 7.05 18.74
N TYR C 114 -5.52 6.46 17.84
CA TYR C 114 -4.75 7.13 16.80
C TYR C 114 -5.33 6.87 15.41
N PRO C 115 -5.15 7.82 14.48
CA PRO C 115 -5.70 7.66 13.13
C PRO C 115 -4.88 6.76 12.22
N LEU C 116 -3.71 6.30 12.68
CA LEU C 116 -2.85 5.44 11.88
C LEU C 116 -2.26 4.37 12.79
N ASN C 117 -1.50 3.47 12.19
CA ASN C 117 -0.77 2.45 12.94
C ASN C 117 -0.11 3.07 14.18
N LEU C 118 -0.39 2.49 15.34
CA LEU C 118 0.07 3.05 16.61
C LEU C 118 1.58 3.30 16.65
N MET C 119 2.40 2.56 15.88
CA MET C 119 3.84 2.77 16.03
C MET C 119 4.32 4.12 15.49
N LEU C 120 3.55 4.76 14.60
CA LEU C 120 3.93 6.09 14.13
C LEU C 120 3.95 7.12 15.25
N PHE C 121 3.26 6.84 16.37
CA PHE C 121 3.12 7.79 17.46
C PHE C 121 4.00 7.42 18.65
N ALA C 122 4.88 6.42 18.52
CA ALA C 122 5.64 5.92 19.66
C ALA C 122 6.61 6.95 20.23
N GLY C 123 7.09 7.87 19.41
CA GLY C 123 7.95 8.92 19.89
C GLY C 123 7.24 10.17 20.33
N LEU C 124 5.91 10.19 20.29
CA LEU C 124 5.16 11.32 20.79
C LEU C 124 4.69 11.08 22.21
N PRO C 125 4.40 12.13 22.97
CA PRO C 125 3.98 11.94 24.36
C PRO C 125 2.61 11.27 24.42
N GLU C 126 2.36 10.57 25.52
CA GLU C 126 1.05 9.95 25.69
C GLU C 126 -0.07 10.99 25.58
N ILE C 127 0.11 12.13 26.24
CA ILE C 127 -0.88 13.21 26.25
C ILE C 127 -0.44 14.26 25.25
N GLY C 128 -1.40 14.86 24.55
CA GLY C 128 -1.13 15.93 23.60
C GLY C 128 -0.42 15.51 22.32
N TRP C 129 -0.43 14.23 21.98
CA TRP C 129 0.17 13.83 20.71
C TRP C 129 -0.46 14.53 19.52
N GLU C 130 -1.77 14.81 19.58
CA GLU C 130 -2.44 15.42 18.44
C GLU C 130 -1.97 16.85 18.18
N ASN C 131 -1.33 17.49 19.17
CA ASN C 131 -0.75 18.81 18.94
C ASN C 131 0.41 18.74 17.94
N TYR C 132 0.97 17.55 17.69
CA TYR C 132 2.03 17.35 16.71
C TYR C 132 1.50 16.85 15.36
N TYR C 133 0.20 16.67 15.23
CA TYR C 133 -0.43 16.02 14.08
C TYR C 133 -1.16 17.09 13.27
N TYR C 134 -0.60 17.45 12.11
CA TYR C 134 -1.13 18.52 11.28
C TYR C 134 -1.98 17.96 10.15
N THR C 135 -3.12 18.61 9.89
CA THR C 135 -4.12 18.09 8.98
C THR C 135 -4.32 18.96 7.74
N SER C 136 -3.68 20.13 7.66
CA SER C 136 -3.72 20.93 6.46
C SER C 136 -2.44 21.77 6.39
N VAL C 137 -2.09 22.16 5.16
CA VAL C 137 -0.90 22.99 5.00
C VAL C 137 -1.08 24.31 5.74
N ASP C 138 -2.31 24.86 5.73
CA ASP C 138 -2.60 26.12 6.39
C ASP C 138 -2.44 26.06 7.90
N GLU C 139 -2.52 24.87 8.49
CA GLU C 139 -2.37 24.67 9.92
C GLU C 139 -0.90 24.66 10.37
N ILE C 140 0.05 24.56 9.45
CA ILE C 140 1.46 24.45 9.82
C ILE C 140 1.92 25.66 10.63
N GLN C 141 1.37 26.83 10.37
CA GLN C 141 1.84 28.02 11.04
C GLN C 141 1.02 28.36 12.28
N SER C 142 0.12 27.47 12.68
CA SER C 142 -0.74 27.74 13.84
C SER C 142 0.07 27.94 15.12
N HIS C 143 -0.21 29.04 15.83
CA HIS C 143 0.50 29.33 17.08
C HIS C 143 0.13 28.36 18.19
N ASP C 144 -0.90 27.55 17.98
CA ASP C 144 -1.38 26.62 19.00
C ASP C 144 -0.84 25.19 18.83
N LYS C 145 -0.03 24.92 17.81
CA LYS C 145 0.47 23.57 17.56
C LYS C 145 1.95 23.46 17.89
N ALA C 146 2.48 22.23 17.78
CA ALA C 146 3.75 21.89 18.43
C ALA C 146 4.93 22.61 17.79
N LEU C 147 4.93 22.78 16.46
CA LEU C 147 6.06 23.47 15.82
C LEU C 147 6.27 24.84 16.45
N TYR C 148 5.18 25.59 16.63
CA TYR C 148 5.30 26.94 17.17
C TYR C 148 5.74 26.93 18.63
N LYS C 149 5.13 26.05 19.45
CA LYS C 149 5.59 25.89 20.83
C LYS C 149 7.06 25.54 20.88
N TRP C 150 7.50 24.66 19.98
CA TRP C 150 8.90 24.27 19.89
C TRP C 150 9.80 25.49 19.68
N LEU C 151 9.39 26.38 18.79
CA LEU C 151 10.21 27.52 18.43
C LEU C 151 10.19 28.61 19.49
N THR C 152 9.15 28.65 20.32
CA THR C 152 9.04 29.67 21.36
C THR C 152 9.29 29.10 22.75
N GLY C 153 9.73 27.84 22.83
CA GLY C 153 10.05 27.22 24.11
C GLY C 153 8.88 27.05 25.06
N MET C 154 7.70 26.75 24.54
CA MET C 154 6.47 26.59 25.36
C MET C 154 5.89 25.17 25.31
N ARG D 2 -19.29 14.98 -28.05
CA ARG D 2 -17.94 14.86 -27.49
C ARG D 2 -17.74 13.53 -26.74
N LYS D 3 -16.55 12.96 -26.87
CA LYS D 3 -16.20 11.78 -26.08
C LYS D 3 -16.20 12.13 -24.60
N ILE D 4 -16.66 11.19 -23.79
CA ILE D 4 -16.77 11.34 -22.34
C ILE D 4 -15.69 10.50 -21.67
N ILE D 5 -14.84 11.14 -20.86
CA ILE D 5 -13.79 10.48 -20.11
C ILE D 5 -14.13 10.53 -18.64
N PHE D 6 -14.11 9.37 -17.99
CA PHE D 6 -14.21 9.29 -16.55
C PHE D 6 -12.80 9.36 -15.97
N LEU D 7 -12.53 10.38 -15.18
CA LEU D 7 -11.18 10.65 -14.67
C LEU D 7 -11.10 10.03 -13.28
N SER D 8 -10.59 8.81 -13.23
CA SER D 8 -10.54 8.04 -11.99
C SER D 8 -9.20 8.29 -11.32
N SER D 9 -9.21 8.77 -10.07
CA SER D 9 -7.97 9.07 -9.36
C SER D 9 -8.22 8.98 -7.86
N PRO D 10 -7.13 8.97 -7.04
CA PRO D 10 -7.30 9.03 -5.59
C PRO D 10 -7.04 10.44 -5.05
N TYR D 11 -7.03 11.43 -5.93
CA TYR D 11 -6.58 12.76 -5.54
C TYR D 11 -7.63 13.50 -4.73
N GLY D 12 -8.89 13.06 -4.73
CA GLY D 12 -9.89 13.68 -3.90
C GLY D 12 -9.76 13.39 -2.41
N PHE D 13 -8.86 12.47 -2.03
CA PHE D 13 -8.73 12.14 -0.61
C PHE D 13 -7.84 13.12 0.15
N SER D 14 -6.95 13.84 -0.53
CA SER D 14 -6.04 14.77 0.11
C SER D 14 -6.41 16.19 -0.28
N GLN D 15 -6.60 17.05 0.72
CA GLN D 15 -7.05 18.42 0.42
C GLN D 15 -6.11 19.09 -0.58
N GLN D 16 -4.80 19.01 -0.32
CA GLN D 16 -3.82 19.64 -1.21
C GLN D 16 -3.81 18.97 -2.58
N GLN D 17 -3.82 17.63 -2.62
CA GLN D 17 -3.84 16.95 -3.91
C GLN D 17 -5.09 17.34 -4.70
N LYS D 18 -6.24 17.33 -4.05
CA LYS D 18 -7.48 17.66 -4.73
C LYS D 18 -7.41 19.04 -5.37
N THR D 19 -6.78 20.00 -4.68
CA THR D 19 -6.75 21.40 -5.12
C THR D 19 -5.73 21.64 -6.23
N LEU D 20 -4.55 21.03 -6.11
CA LEU D 20 -3.44 21.34 -7.00
C LEU D 20 -3.24 20.33 -8.12
N LEU D 21 -3.51 19.05 -7.88
CA LEU D 21 -3.17 18.02 -8.86
C LEU D 21 -4.27 17.81 -9.89
N LEU D 22 -5.52 17.76 -9.44
CA LEU D 22 -6.62 17.45 -10.34
C LEU D 22 -6.85 18.51 -11.40
N PRO D 23 -6.96 19.80 -11.08
CA PRO D 23 -7.38 20.80 -12.09
C PRO D 23 -6.49 20.77 -13.32
N PRO D 24 -5.18 20.64 -13.16
CA PRO D 24 -4.32 20.61 -14.37
C PRO D 24 -4.62 19.43 -15.28
N ILE D 25 -4.94 18.26 -14.71
CA ILE D 25 -5.25 17.10 -15.54
C ILE D 25 -6.58 17.30 -16.25
N VAL D 26 -7.60 17.76 -15.52
CA VAL D 26 -8.88 18.11 -16.13
C VAL D 26 -8.69 19.09 -17.29
N ARG D 27 -7.83 20.10 -17.11
CA ARG D 27 -7.67 21.09 -18.17
C ARG D 27 -7.02 20.49 -19.41
N ALA D 28 -5.96 19.70 -19.22
CA ALA D 28 -5.35 19.01 -20.35
C ALA D 28 -6.39 18.19 -21.11
N LEU D 29 -7.23 17.45 -20.38
CA LEU D 29 -8.25 16.64 -21.06
C LEU D 29 -9.24 17.53 -21.80
N GLU D 30 -9.72 18.59 -21.16
CA GLU D 30 -10.74 19.42 -21.80
C GLU D 30 -10.18 20.19 -22.99
N ALA D 31 -8.86 20.45 -23.02
CA ALA D 31 -8.27 21.13 -24.16
C ALA D 31 -8.24 20.25 -25.40
N LEU D 32 -8.39 18.93 -25.22
CA LEU D 32 -8.52 18.00 -26.33
C LEU D 32 -9.95 17.88 -26.82
N GLY D 33 -10.88 18.64 -26.25
CA GLY D 33 -12.27 18.57 -26.63
C GLY D 33 -13.09 17.56 -25.87
N ILE D 34 -12.55 16.98 -24.77
CA ILE D 34 -13.19 15.89 -24.05
C ILE D 34 -14.13 16.46 -22.99
N GLU D 35 -15.24 15.76 -22.74
CA GLU D 35 -16.08 16.03 -21.59
C GLU D 35 -15.60 15.16 -20.43
N VAL D 36 -15.14 15.79 -19.35
CA VAL D 36 -14.47 15.10 -18.26
C VAL D 36 -15.47 14.90 -17.13
N TRP D 37 -15.63 13.66 -16.70
CA TRP D 37 -16.42 13.32 -15.52
C TRP D 37 -15.43 12.95 -14.42
N GLU D 38 -15.38 13.77 -13.39
CA GLU D 38 -14.47 13.59 -12.28
C GLU D 38 -15.30 13.25 -11.05
N PRO D 39 -15.14 12.07 -10.45
CA PRO D 39 -16.11 11.61 -9.44
C PRO D 39 -16.20 12.46 -8.19
N PHE D 40 -15.09 13.06 -7.73
CA PHE D 40 -15.17 13.86 -6.51
C PHE D 40 -15.98 15.14 -6.74
N ALA D 41 -15.77 15.80 -7.88
CA ALA D 41 -16.57 16.97 -8.19
C ALA D 41 -18.01 16.61 -8.53
N ARG D 42 -18.22 15.52 -9.29
CA ARG D 42 -19.58 15.16 -9.66
C ARG D 42 -20.43 14.72 -8.46
N ASN D 43 -19.80 14.37 -7.36
CA ASN D 43 -20.50 13.95 -6.14
C ASN D 43 -20.53 15.03 -5.06
N ASN D 44 -20.12 16.26 -5.38
CA ASN D 44 -20.04 17.30 -4.37
C ASN D 44 -21.40 17.74 -3.84
N GLN D 45 -22.50 17.37 -4.53
CA GLN D 45 -23.84 17.72 -4.11
C GLN D 45 -24.58 16.54 -3.47
N ILE D 46 -23.86 15.50 -3.06
CA ILE D 46 -24.44 14.42 -2.27
C ILE D 46 -24.61 14.91 -0.84
N ASP D 47 -25.76 14.62 -0.25
CA ASP D 47 -25.98 14.93 1.16
C ASP D 47 -25.05 14.09 2.03
N PHE D 48 -23.82 14.56 2.23
CA PHE D 48 -22.88 13.89 3.14
C PHE D 48 -23.46 13.73 4.54
N SER D 49 -24.65 14.27 4.79
CA SER D 49 -25.33 14.14 6.07
C SER D 49 -25.85 12.72 6.30
N GLN D 50 -26.61 12.19 5.36
CA GLN D 50 -27.24 10.88 5.52
C GLN D 50 -26.21 9.75 5.51
N ALA D 51 -26.51 8.72 6.28
CA ALA D 51 -25.58 7.60 6.44
C ALA D 51 -25.41 6.81 5.14
N ASP D 52 -26.44 6.81 4.29
CA ASP D 52 -26.41 6.09 3.03
C ASP D 52 -25.57 6.79 1.96
N TRP D 53 -24.84 7.85 2.32
CA TRP D 53 -24.08 8.57 1.30
C TRP D 53 -23.05 7.68 0.63
N ALA D 54 -22.42 6.79 1.39
CA ALA D 54 -21.42 5.89 0.82
C ALA D 54 -22.01 5.06 -0.30
N TYR D 55 -23.17 4.44 -0.07
CA TYR D 55 -23.82 3.65 -1.11
C TYR D 55 -24.26 4.51 -2.28
N ARG D 56 -24.73 5.73 -2.01
CA ARG D 56 -25.12 6.61 -3.10
C ARG D 56 -23.92 6.97 -3.98
N VAL D 57 -22.79 7.32 -3.36
CA VAL D 57 -21.59 7.63 -4.15
C VAL D 57 -21.15 6.41 -4.94
N ALA D 58 -21.10 5.23 -4.31
CA ALA D 58 -20.72 4.02 -5.03
C ALA D 58 -21.55 3.84 -6.30
N GLN D 59 -22.88 3.93 -6.18
CA GLN D 59 -23.75 3.71 -7.34
C GLN D 59 -23.59 4.79 -8.40
N ALA D 60 -23.40 6.04 -7.96
CA ALA D 60 -23.16 7.13 -8.92
C ALA D 60 -21.89 6.88 -9.73
N ASP D 61 -20.80 6.53 -9.07
CA ASP D 61 -19.56 6.25 -9.78
C ASP D 61 -19.73 5.04 -10.71
N LEU D 62 -20.41 3.99 -10.22
CA LEU D 62 -20.71 2.85 -11.08
C LEU D 62 -21.46 3.27 -12.34
N GLN D 63 -22.46 4.16 -12.21
CA GLN D 63 -23.21 4.58 -13.40
C GLN D 63 -22.35 5.44 -14.34
N ASP D 64 -21.54 6.34 -13.79
CA ASP D 64 -20.68 7.15 -14.64
C ASP D 64 -19.73 6.29 -15.48
N VAL D 65 -19.25 5.17 -14.94
CA VAL D 65 -18.37 4.29 -15.72
C VAL D 65 -19.18 3.59 -16.81
N LYS D 66 -20.35 3.09 -16.48
CA LYS D 66 -21.22 2.51 -17.50
C LYS D 66 -21.50 3.49 -18.63
N ASN D 67 -21.63 4.79 -18.31
CA ASN D 67 -22.07 5.77 -19.30
C ASN D 67 -20.95 6.56 -19.95
N CYS D 68 -19.71 6.40 -19.51
CA CYS D 68 -18.59 7.08 -20.15
C CYS D 68 -18.22 6.37 -21.46
N ASP D 69 -17.35 7.00 -22.24
CA ASP D 69 -16.77 6.37 -23.42
C ASP D 69 -15.41 5.73 -23.14
N GLY D 70 -14.56 6.40 -22.35
CA GLY D 70 -13.32 5.80 -21.88
C GLY D 70 -13.05 6.22 -20.44
N ILE D 71 -12.04 5.60 -19.85
CA ILE D 71 -11.61 5.90 -18.49
C ILE D 71 -10.15 6.34 -18.54
N PHE D 72 -9.84 7.42 -17.83
CA PHE D 72 -8.49 7.92 -17.67
C PHE D 72 -8.14 7.66 -16.21
N ALA D 73 -7.31 6.64 -15.96
CA ALA D 73 -7.08 6.13 -14.61
C ALA D 73 -5.72 6.61 -14.11
N VAL D 74 -5.73 7.37 -13.03
CA VAL D 74 -4.49 7.82 -12.39
C VAL D 74 -4.00 6.70 -11.49
N VAL D 75 -2.89 6.07 -11.88
CA VAL D 75 -2.45 4.84 -11.22
C VAL D 75 -1.13 5.08 -10.53
N ASN D 76 -0.93 6.31 -10.04
CA ASN D 76 0.20 6.59 -9.18
C ASN D 76 0.07 5.87 -7.84
N GLY D 77 1.18 5.80 -7.12
CA GLY D 77 1.20 5.27 -5.78
C GLY D 77 1.59 3.80 -5.74
N THR D 78 1.88 3.32 -4.55
CA THR D 78 2.19 1.91 -4.34
C THR D 78 1.29 1.39 -3.23
N PRO D 79 0.29 0.56 -3.56
CA PRO D 79 -0.10 0.21 -4.91
C PRO D 79 -1.07 1.27 -5.42
N PRO D 80 -1.53 1.15 -6.66
CA PRO D 80 -2.60 2.02 -7.15
C PRO D 80 -3.83 1.93 -6.27
N ASP D 81 -4.63 3.01 -6.28
CA ASP D 81 -5.77 3.11 -5.38
C ASP D 81 -6.82 2.04 -5.72
N GLU D 82 -7.39 1.44 -4.67
CA GLU D 82 -8.32 0.32 -4.82
C GLU D 82 -9.62 0.74 -5.50
N GLY D 83 -10.12 1.95 -5.23
CA GLY D 83 -11.29 2.44 -5.93
C GLY D 83 -11.05 2.65 -7.41
N VAL D 84 -9.91 3.26 -7.77
CA VAL D 84 -9.53 3.38 -9.17
C VAL D 84 -9.48 2.00 -9.82
N MET D 85 -8.90 1.02 -9.13
CA MET D 85 -8.78 -0.32 -9.71
C MET D 85 -10.14 -0.97 -9.96
N VAL D 86 -11.08 -0.86 -9.01
CA VAL D 86 -12.42 -1.40 -9.24
C VAL D 86 -13.03 -0.73 -10.46
N GLU D 87 -12.90 0.58 -10.57
CA GLU D 87 -13.49 1.32 -11.68
C GLU D 87 -12.80 0.98 -13.00
N LEU D 88 -11.48 0.79 -12.96
CA LEU D 88 -10.75 0.29 -14.11
C LEU D 88 -11.23 -1.10 -14.52
N GLY D 89 -11.41 -2.01 -13.55
CA GLY D 89 -11.90 -3.34 -13.88
C GLY D 89 -13.30 -3.30 -14.48
N MET D 90 -14.17 -2.42 -13.96
CA MET D 90 -15.47 -2.20 -14.58
C MET D 90 -15.30 -1.71 -16.02
N ALA D 91 -14.41 -0.73 -16.22
CA ALA D 91 -14.21 -0.21 -17.56
C ALA D 91 -13.77 -1.31 -18.52
N ILE D 92 -12.81 -2.14 -18.10
CA ILE D 92 -12.33 -3.24 -18.96
C ILE D 92 -13.49 -4.14 -19.36
N ALA D 93 -14.27 -4.57 -18.36
CA ALA D 93 -15.37 -5.50 -18.57
C ALA D 93 -16.48 -4.91 -19.42
N LEU D 94 -16.65 -3.59 -19.45
CA LEU D 94 -17.67 -2.94 -20.27
C LEU D 94 -17.14 -2.50 -21.62
N ASN D 95 -15.91 -2.88 -21.97
CA ASN D 95 -15.33 -2.57 -23.25
C ASN D 95 -15.27 -1.06 -23.48
N LYS D 96 -14.97 -0.31 -22.42
CA LYS D 96 -14.67 1.11 -22.58
C LYS D 96 -13.21 1.30 -23.05
N ALA D 97 -12.96 2.44 -23.67
CA ALA D 97 -11.58 2.81 -23.95
C ALA D 97 -10.83 2.99 -22.63
N ILE D 98 -9.57 2.57 -22.62
CA ILE D 98 -8.74 2.58 -21.41
C ILE D 98 -7.52 3.46 -21.67
N PHE D 99 -7.26 4.39 -20.75
CA PHE D 99 -6.03 5.20 -20.75
C PHE D 99 -5.49 5.26 -19.32
N LEU D 100 -4.19 5.07 -19.17
CA LEU D 100 -3.58 5.01 -17.85
C LEU D 100 -2.60 6.16 -17.69
N PHE D 101 -2.51 6.67 -16.46
CA PHE D 101 -1.60 7.78 -16.15
C PHE D 101 -0.75 7.41 -14.94
N ARG D 102 0.57 7.47 -15.09
CA ARG D 102 1.46 7.27 -13.94
C ARG D 102 2.73 8.07 -14.15
N ASP D 103 2.90 9.16 -13.39
CA ASP D 103 4.14 9.93 -13.41
C ASP D 103 5.00 9.66 -12.18
N ASP D 104 4.64 8.62 -11.42
CA ASP D 104 5.45 8.04 -10.36
C ASP D 104 6.55 7.18 -11.00
N PHE D 105 7.81 7.40 -10.61
CA PHE D 105 8.85 6.69 -11.35
C PHE D 105 9.24 5.37 -10.71
N ARG D 106 8.64 5.00 -9.58
CA ARG D 106 8.90 3.69 -9.01
C ARG D 106 8.23 2.59 -9.84
N ARG D 107 8.91 1.45 -9.93
CA ARG D 107 8.38 0.26 -10.58
C ARG D 107 7.93 -0.73 -9.51
N CYS D 108 6.76 -1.33 -9.72
CA CYS D 108 6.24 -2.18 -8.67
C CYS D 108 5.39 -3.26 -9.34
N SER D 109 6.01 -4.40 -9.64
CA SER D 109 5.35 -5.49 -10.36
C SER D 109 6.18 -6.76 -10.26
N ASP D 110 5.54 -7.88 -10.63
CA ASP D 110 6.18 -9.19 -10.62
C ASP D 110 6.57 -9.66 -12.02
N ASN D 111 6.60 -8.77 -13.00
CA ASN D 111 6.86 -9.19 -14.37
C ASN D 111 7.68 -8.13 -15.09
N GLU D 112 8.46 -8.59 -16.06
CA GLU D 112 9.34 -7.71 -16.81
C GLU D 112 8.58 -6.84 -17.80
N ARG D 113 7.45 -7.33 -18.31
CA ARG D 113 6.75 -6.61 -19.38
C ARG D 113 6.20 -5.28 -18.88
N TYR D 114 5.50 -5.29 -17.76
CA TYR D 114 4.74 -4.13 -17.30
C TYR D 114 5.33 -3.53 -16.02
N PRO D 115 5.22 -2.21 -15.82
CA PRO D 115 5.70 -1.58 -14.58
C PRO D 115 4.76 -1.75 -13.40
N LEU D 116 3.60 -2.36 -13.60
CA LEU D 116 2.62 -2.55 -12.54
C LEU D 116 2.00 -3.93 -12.66
N ASN D 117 1.19 -4.29 -11.67
CA ASN D 117 0.47 -5.57 -11.72
C ASN D 117 -0.12 -5.77 -13.11
N LEU D 118 0.07 -6.99 -13.67
CA LEU D 118 -0.30 -7.24 -15.07
C LEU D 118 -1.79 -7.04 -15.34
N MET D 119 -2.65 -7.20 -14.34
CA MET D 119 -4.08 -7.04 -14.61
C MET D 119 -4.46 -5.61 -14.98
N LEU D 120 -3.69 -4.59 -14.56
CA LEU D 120 -4.03 -3.24 -14.99
C LEU D 120 -4.02 -3.11 -16.50
N PHE D 121 -3.34 -4.02 -17.19
CA PHE D 121 -3.14 -3.93 -18.63
C PHE D 121 -3.98 -4.92 -19.40
N ALA D 122 -4.92 -5.59 -18.72
CA ALA D 122 -5.72 -6.62 -19.37
C ALA D 122 -6.66 -6.06 -20.45
N GLY D 123 -7.03 -4.77 -20.37
CA GLY D 123 -7.88 -4.15 -21.35
C GLY D 123 -7.15 -3.42 -22.46
N LEU D 124 -5.83 -3.49 -22.47
CA LEU D 124 -5.00 -2.88 -23.49
C LEU D 124 -4.41 -3.94 -24.41
N PRO D 125 -3.93 -3.56 -25.59
CA PRO D 125 -3.38 -4.56 -26.53
C PRO D 125 -2.06 -5.13 -26.08
N GLU D 126 -1.78 -6.34 -26.57
CA GLU D 126 -0.51 -7.00 -26.28
C GLU D 126 0.67 -6.17 -26.77
N ILE D 127 0.56 -5.59 -27.96
CA ILE D 127 1.62 -4.78 -28.55
C ILE D 127 1.12 -3.34 -28.62
N GLY D 128 1.97 -2.41 -28.21
CA GLY D 128 1.66 -1.00 -28.29
C GLY D 128 0.83 -0.47 -27.15
N TRP D 129 0.73 -1.21 -26.04
CA TRP D 129 -0.01 -0.69 -24.90
C TRP D 129 0.64 0.59 -24.37
N GLU D 130 1.95 0.76 -24.53
CA GLU D 130 2.62 1.97 -24.07
C GLU D 130 2.02 3.24 -24.66
N ASN D 131 1.39 3.14 -25.82
CA ASN D 131 0.81 4.33 -26.43
C ASN D 131 -0.38 4.86 -25.63
N TYR D 132 -1.00 4.01 -24.80
CA TYR D 132 -2.09 4.41 -23.93
C TYR D 132 -1.61 4.76 -22.51
N TYR D 133 -0.30 4.78 -22.28
CA TYR D 133 0.28 4.89 -20.95
C TYR D 133 0.99 6.23 -20.87
N TYR D 134 0.43 7.15 -20.11
CA TYR D 134 0.95 8.50 -19.99
C TYR D 134 1.79 8.62 -18.72
N THR D 135 2.97 9.23 -18.83
CA THR D 135 3.89 9.36 -17.71
C THR D 135 4.18 10.80 -17.32
N SER D 136 3.45 11.78 -17.88
CA SER D 136 3.55 13.17 -17.44
C SER D 136 2.32 13.92 -17.90
N VAL D 137 1.97 14.98 -17.16
CA VAL D 137 0.79 15.77 -17.53
C VAL D 137 0.98 16.42 -18.90
N ASP D 138 2.22 16.81 -19.23
CA ASP D 138 2.51 17.45 -20.50
C ASP D 138 2.29 16.54 -21.69
N GLU D 139 2.31 15.23 -21.49
CA GLU D 139 2.17 14.26 -22.56
C GLU D 139 0.71 14.04 -22.97
N ILE D 140 -0.24 14.44 -22.13
CA ILE D 140 -1.63 14.11 -22.37
C ILE D 140 -2.10 14.63 -23.72
N GLN D 141 -1.53 15.74 -24.18
CA GLN D 141 -1.97 16.36 -25.41
C GLN D 141 -1.15 15.93 -26.62
N SER D 142 -0.28 14.94 -26.47
CA SER D 142 0.55 14.51 -27.59
C SER D 142 -0.32 13.93 -28.68
N HIS D 143 -0.09 14.38 -29.91
CA HIS D 143 -0.77 13.82 -31.08
C HIS D 143 -0.29 12.43 -31.42
N ASP D 144 0.79 11.95 -30.82
CA ASP D 144 1.33 10.64 -31.10
C ASP D 144 0.89 9.59 -30.09
N LYS D 145 0.02 9.94 -29.15
CA LYS D 145 -0.45 9.02 -28.11
C LYS D 145 -1.92 8.68 -28.33
N ALA D 146 -2.38 7.65 -27.60
CA ALA D 146 -3.66 7.01 -27.93
C ALA D 146 -4.85 7.93 -27.71
N LEU D 147 -4.79 8.81 -26.71
CA LEU D 147 -5.96 9.63 -26.40
C LEU D 147 -6.31 10.55 -27.55
N TYR D 148 -5.31 11.26 -28.09
CA TYR D 148 -5.53 12.09 -29.26
C TYR D 148 -6.01 11.26 -30.45
N LYS D 149 -5.29 10.18 -30.77
CA LYS D 149 -5.69 9.34 -31.90
C LYS D 149 -7.11 8.81 -31.74
N TRP D 150 -7.49 8.43 -30.53
CA TRP D 150 -8.85 7.96 -30.29
C TRP D 150 -9.89 9.03 -30.61
N LEU D 151 -9.60 10.29 -30.29
CA LEU D 151 -10.57 11.35 -30.57
C LEU D 151 -10.74 11.55 -32.06
N THR D 152 -9.65 11.41 -32.81
CA THR D 152 -9.62 11.82 -34.21
C THR D 152 -9.58 10.61 -35.13
N GLY D 153 -10.10 9.48 -34.68
CA GLY D 153 -10.05 8.27 -35.48
C GLY D 153 -8.75 7.49 -35.37
N MET D 154 -7.64 8.12 -35.78
CA MET D 154 -6.29 7.57 -35.67
C MET D 154 -5.30 8.46 -36.40
O5' 3AD E . -2.99 -9.41 -8.11
C5' 3AD E . -3.54 -10.70 -8.01
C4' 3AD E . -4.79 -10.81 -8.82
O4' 3AD E . -4.56 -10.51 -10.22
C3' 3AD E . -5.20 -12.26 -8.77
C2' 3AD E . -4.67 -12.80 -10.10
O2' 3AD E . -5.71 -13.47 -10.80
C1' 3AD E . -4.19 -11.61 -10.97
N9 3AD E . -2.72 -11.76 -11.15
C8 3AD E . -1.78 -10.77 -11.09
N7 3AD E . -0.56 -11.20 -11.26
C5 3AD E . -0.70 -12.55 -11.44
C6 3AD E . 0.22 -13.57 -11.67
N6 3AD E . 1.54 -13.31 -11.75
N1 3AD E . -0.23 -14.82 -11.82
C2 3AD E . -1.53 -15.07 -11.73
N3 3AD E . -2.50 -14.19 -11.54
C4 3AD E . -2.03 -12.94 -11.40
HO5' 3AD E . -3.63 -8.84 -8.11
H5'1 3AD E . -3.78 -10.93 -7.10
H5'2 3AD E . -2.93 -11.39 -8.31
H4' 3AD E . -5.48 -10.18 -8.56
H3'1 3AD E . -6.17 -12.37 -8.70
H3'2 3AD E . -4.81 -12.73 -8.02
H2' 3AD E . -3.88 -13.33 -9.96
HO2' 3AD E . -6.44 -13.03 -10.69
H1' 3AD E . -4.56 -11.51 -11.86
H8 3AD E . -2.01 -9.88 -10.94
HN61 3AD E . 1.81 -12.49 -11.79
HN62 3AD E . 2.11 -13.94 -11.83
H2 3AD E . -1.79 -15.96 -11.82
O5' 3AD F . 3.31 -3.50 12.09
C5' 3AD F . 2.38 -2.92 12.97
C4' 3AD F . 3.08 -2.51 14.26
O4' 3AD F . 2.21 -2.57 15.43
C3' 3AD F . 4.29 -3.43 14.48
C2' 3AD F . 4.00 -4.09 15.83
O2' 3AD F . 5.17 -4.21 16.62
C1' 3AD F . 2.97 -3.13 16.45
N9 3AD F . 2.07 -3.93 17.26
C8 3AD F . 2.41 -4.87 18.21
N7 3AD F . 1.37 -5.44 18.77
C5 3AD F . 0.29 -4.87 18.15
C6 3AD F . -1.09 -5.06 18.31
N6 3AD F . -1.60 -5.94 19.21
N1 3AD F . -1.91 -4.33 17.54
C2 3AD F . -1.38 -3.46 16.67
N3 3AD F . -0.09 -3.18 16.42
C4 3AD F . 0.70 -3.93 17.20
HO5' 3AD F . 3.93 -2.94 11.95
H5'1 3AD F . 1.67 -3.53 13.21
H5'2 3AD F . 1.97 -2.13 12.60
H4' 3AD F . 3.32 -1.57 14.27
H3'1 3AD F . 5.12 -2.93 14.50
H3'2 3AD F . 4.36 -4.10 13.77
H2' 3AD F . 3.58 -4.96 15.76
HO2' 3AD F . 5.72 -4.72 16.22
H1' 3AD F . 3.38 -2.42 16.95
H8 3AD F . 3.30 -5.05 18.43
HN61 3AD F . -1.08 -6.51 19.59
HN62 3AD F . -2.43 -5.95 19.41
H2 3AD F . -2.00 -2.99 16.16
O5' 3AD G . 10.77 7.04 0.41
C5' 3AD G . 11.00 8.40 0.52
C4' 3AD G . 11.72 8.57 1.83
O4' 3AD G . 13.16 8.57 1.81
C3' 3AD G . 11.29 9.95 2.27
C2' 3AD G . 12.42 10.75 1.65
O2' 3AD G . 12.64 11.85 2.51
C1' 3AD G . 13.67 9.84 1.65
N9 3AD G . 14.27 9.87 0.29
C8 3AD G . 14.83 10.93 -0.37
N7 3AD G . 15.26 10.65 -1.57
C5 3AD G . 14.95 9.32 -1.71
C6 3AD G . 15.12 8.42 -2.77
N6 3AD G . 15.70 8.82 -3.90
N1 3AD G . 14.70 7.16 -2.62
C2 3AD G . 14.12 6.79 -1.46
N3 3AD G . 13.91 7.54 -0.40
C4 3AD G . 14.34 8.80 -0.57
HO5' 3AD G . 10.09 6.93 -0.09
H5'1 3AD G . 11.55 8.77 -0.19
H5'2 3AD G . 10.19 8.93 0.54
H4' 3AD G . 11.60 7.81 2.42
H3'1 3AD G . 10.43 10.20 1.93
H3'2 3AD G . 11.27 10.04 3.24
H2' 3AD G . 12.30 10.97 0.71
HO2' 3AD G . 11.94 12.33 2.49
H1' 3AD G . 14.32 10.09 2.32
H8 3AD G . 14.89 11.78 0.02
HN61 3AD G . 15.92 8.24 -4.50
HN62 3AD G . 15.89 9.64 -4.05
H2 3AD G . 13.85 5.91 -1.42
O5' 3AD H . -11.07 5.53 -4.51
C5' 3AD H . -11.11 6.57 -5.46
C4' 3AD H . -11.95 6.17 -6.65
O4' 3AD H . -13.16 5.50 -6.25
C3' 3AD H . -12.40 7.37 -7.50
C2' 3AD H . -13.88 7.53 -7.16
O2' 3AD H . -14.73 7.35 -8.28
C1' 3AD H . -14.25 6.38 -6.20
N9 3AD H . -14.43 6.84 -4.80
C8 3AD H . -14.01 6.20 -3.66
N7 3AD H . -14.29 6.85 -2.57
C5 3AD H . -14.92 7.99 -3.02
C6 3AD H . -15.46 9.10 -2.34
N6 3AD H . -15.43 9.20 -1.01
N1 3AD H . -16.02 10.07 -3.10
C2 3AD H . -16.05 9.96 -4.43
N3 3AD H . -15.58 8.97 -5.17
C4 3AD H . -15.02 8.01 -4.41
#